data_5RAB
#
_entry.id   5RAB
#
_cell.length_a   57.660
_cell.length_b   93.640
_cell.length_c   93.470
_cell.angle_alpha   90.000
_cell.angle_beta   107.800
_cell.angle_gamma   90.000
#
_symmetry.space_group_name_H-M   'P 1 21 1'
#
loop_
_entity.id
_entity.type
_entity.pdbx_description
1 polymer 'Lysine-specific demethylase 3B'
2 non-polymer (2R,5S)-5-(4-chlorophenyl)oxolane-2-carbohydrazide
3 non-polymer 'CHLORIDE ION'
4 non-polymer 'MANGANESE (II) ION'
5 water water
#
_entity_poly.entity_id   1
_entity_poly.type   'polypeptide(L)'
_entity_poly.pdbx_seq_one_letter_code
;MHHHHHHSSGVDLGTENLYFQSMTSHSWLCDGRLLCLHDPSNKNNWKIFRECWKQGQPVLVSGVHKKLKSELWKPEAFSQ
EFGDQDVDLVNCRNCAIISDVKVRDFWDGFEIICKRLRSEDGQPMVLKLKDWPPGEDFRDMMPTRFEDLMENLPLPEYTK
RDGRLNLASRLPSYFVRPDLGPKMYNAYGLITAEDRRVGTTNLHLDVSDAVNVMVYVGIPIGEGAHDEEVLKTIDEGDAD
EVTKERIHDHKEKPGALWHIYAAKDAEKIRELLRKVGEEQGQENPPDHDPIHDQSWYLDQTLRKRLYEEYGVQGWAIVQF
LGDAVFIPAGAPHQVHNLYSCIKVAEDFVSPEHVKHCFRLTQEFRHLSNTHT
;
_entity_poly.pdbx_strand_id   A,B
#
loop_
_chem_comp.id
_chem_comp.type
_chem_comp.name
_chem_comp.formula
CL non-polymer 'CHLORIDE ION' 'Cl -1'
MN non-polymer 'MANGANESE (II) ION' 'Mn 2'
S4Y non-polymer (2R,5S)-5-(4-chlorophenyl)oxolane-2-carbohydrazide 'C11 H13 Cl N2 O2'
#
# COMPACT_ATOMS: atom_id res chain seq x y z
N SER A 22 -14.06 11.87 -47.96
CA SER A 22 -15.28 11.09 -47.56
C SER A 22 -15.13 10.65 -46.10
N MET A 23 -16.24 10.62 -45.36
N MET A 23 -16.21 10.62 -45.31
CA MET A 23 -16.35 9.98 -44.03
CA MET A 23 -16.18 10.11 -43.91
C MET A 23 -15.95 8.51 -44.17
C MET A 23 -16.16 8.58 -43.93
N THR A 24 -15.19 8.01 -43.21
CA THR A 24 -14.84 6.58 -43.17
C THR A 24 -14.87 6.10 -41.70
N SER A 25 -15.02 4.81 -41.54
CA SER A 25 -15.16 4.20 -40.18
C SER A 25 -13.83 4.32 -39.43
N HIS A 26 -12.69 4.20 -40.09
CA HIS A 26 -11.36 4.10 -39.43
C HIS A 26 -10.24 4.32 -40.42
N SER A 27 -9.04 4.43 -39.90
CA SER A 27 -7.75 4.53 -40.62
C SER A 27 -6.65 3.98 -39.71
N TRP A 28 -5.41 4.09 -40.17
CA TRP A 28 -4.27 3.48 -39.44
C TRP A 28 -3.24 4.59 -39.17
N LEU A 29 -2.59 4.50 -38.02
CA LEU A 29 -1.38 5.29 -37.74
C LEU A 29 -0.27 4.30 -37.42
N CYS A 30 0.91 4.81 -37.06
CA CYS A 30 2.07 3.95 -36.71
C CYS A 30 2.34 2.89 -37.81
N ASP A 31 2.26 3.35 -39.07
CA ASP A 31 2.53 2.50 -40.28
C ASP A 31 1.66 1.24 -40.29
N GLY A 32 0.39 1.32 -39.89
CA GLY A 32 -0.52 0.15 -39.77
C GLY A 32 -0.62 -0.54 -38.43
N ARG A 33 0.26 -0.19 -37.46
CA ARG A 33 0.31 -0.85 -36.14
C ARG A 33 -0.73 -0.25 -35.15
N LEU A 34 -1.39 0.87 -35.48
CA LEU A 34 -2.34 1.54 -34.52
C LEU A 34 -3.68 1.78 -35.23
N LEU A 35 -4.75 1.17 -34.74
CA LEU A 35 -6.13 1.48 -35.21
C LEU A 35 -6.54 2.88 -34.76
N CYS A 36 -7.09 3.70 -35.68
N CYS A 36 -7.14 3.65 -35.68
CA CYS A 36 -7.73 5.00 -35.39
CA CYS A 36 -7.76 4.98 -35.41
C CYS A 36 -9.21 4.96 -35.82
C CYS A 36 -9.22 4.94 -35.84
N LEU A 37 -10.12 4.86 -34.85
CA LEU A 37 -11.57 4.91 -35.09
C LEU A 37 -12.02 6.36 -35.26
N HIS A 38 -12.93 6.65 -36.20
CA HIS A 38 -13.29 8.07 -36.51
C HIS A 38 -14.61 8.56 -35.88
N ASP A 39 -15.53 7.70 -35.51
CA ASP A 39 -16.85 8.07 -34.98
C ASP A 39 -16.97 7.48 -33.59
N PRO A 40 -16.84 8.31 -32.52
CA PRO A 40 -16.85 7.79 -31.16
C PRO A 40 -18.13 7.06 -30.75
N SER A 41 -19.27 7.29 -31.42
CA SER A 41 -20.57 6.72 -31.00
C SER A 41 -21.09 5.72 -32.03
N ASN A 42 -20.25 5.29 -32.99
CA ASN A 42 -20.64 4.21 -33.93
C ASN A 42 -20.85 2.91 -33.18
N LYS A 43 -22.09 2.36 -33.21
CA LYS A 43 -22.48 1.10 -32.53
C LYS A 43 -21.74 -0.14 -33.03
N ASN A 44 -21.04 -0.07 -34.17
CA ASN A 44 -20.27 -1.19 -34.78
C ASN A 44 -18.75 -1.08 -34.53
N ASN A 45 -18.29 -0.14 -33.71
CA ASN A 45 -16.84 0.06 -33.44
C ASN A 45 -16.23 -1.22 -32.83
N TRP A 46 -16.97 -1.92 -31.96
CA TRP A 46 -16.47 -3.13 -31.27
C TRP A 46 -15.92 -4.18 -32.26
N LYS A 47 -16.52 -4.27 -33.45
CA LYS A 47 -16.16 -5.29 -34.47
C LYS A 47 -14.72 -5.10 -34.96
N ILE A 48 -14.28 -3.85 -35.12
CA ILE A 48 -12.92 -3.43 -35.58
C ILE A 48 -11.96 -3.46 -34.34
N PHE A 49 -12.42 -2.94 -33.23
CA PHE A 49 -11.65 -2.79 -31.96
C PHE A 49 -11.17 -4.10 -31.39
N ARG A 50 -12.08 -5.07 -31.35
N ARG A 50 -12.04 -5.09 -31.28
CA ARG A 50 -11.94 -6.32 -30.54
CA ARG A 50 -11.76 -6.23 -30.39
C ARG A 50 -10.66 -7.04 -30.94
C ARG A 50 -10.59 -7.04 -30.94
N GLU A 51 -10.41 -7.16 -32.26
CA GLU A 51 -9.22 -7.91 -32.77
C GLU A 51 -7.88 -7.25 -32.40
N CYS A 52 -7.82 -5.92 -32.57
CA CYS A 52 -6.58 -5.17 -32.23
C CYS A 52 -6.33 -5.28 -30.70
N TRP A 53 -7.38 -5.13 -29.93
CA TRP A 53 -7.31 -5.13 -28.45
C TRP A 53 -6.84 -6.51 -27.91
N LYS A 54 -7.34 -7.60 -28.52
CA LYS A 54 -6.95 -8.97 -28.09
C LYS A 54 -5.46 -9.18 -28.32
N GLN A 55 -4.82 -8.51 -29.29
CA GLN A 55 -3.38 -8.61 -29.60
C GLN A 55 -2.52 -7.75 -28.66
N GLY A 56 -3.10 -7.00 -27.77
CA GLY A 56 -2.28 -6.24 -26.78
C GLY A 56 -1.97 -4.84 -27.29
N GLN A 57 -2.58 -4.42 -28.41
CA GLN A 57 -2.28 -3.06 -28.98
C GLN A 57 -3.08 -1.96 -28.29
N PRO A 58 -2.50 -0.73 -28.19
CA PRO A 58 -3.31 0.45 -27.90
C PRO A 58 -4.21 0.78 -29.10
N VAL A 59 -5.22 1.63 -28.90
CA VAL A 59 -6.19 2.09 -29.91
C VAL A 59 -6.46 3.57 -29.70
N LEU A 60 -6.67 4.32 -30.77
CA LEU A 60 -7.00 5.77 -30.71
C LEU A 60 -8.41 5.92 -31.27
N VAL A 61 -9.22 6.75 -30.61
CA VAL A 61 -10.56 7.15 -31.12
C VAL A 61 -10.61 8.68 -31.20
N SER A 62 -10.83 9.24 -32.41
CA SER A 62 -10.89 10.72 -32.60
C SER A 62 -12.34 11.23 -32.48
N GLY A 63 -12.48 12.56 -32.16
CA GLY A 63 -13.80 13.22 -32.31
C GLY A 63 -14.59 13.37 -31.04
N VAL A 64 -14.08 12.97 -29.86
CA VAL A 64 -14.89 12.94 -28.61
C VAL A 64 -15.25 14.39 -28.20
N HIS A 65 -14.41 15.37 -28.52
CA HIS A 65 -14.65 16.79 -28.11
C HIS A 65 -15.97 17.27 -28.73
N LYS A 66 -16.29 16.79 -29.92
CA LYS A 66 -17.54 17.20 -30.63
C LYS A 66 -18.79 16.68 -29.88
N LYS A 67 -18.70 15.68 -29.00
CA LYS A 67 -19.83 15.08 -28.24
C LYS A 67 -20.03 15.79 -26.89
N LEU A 68 -19.06 16.60 -26.42
CA LEU A 68 -19.03 17.17 -25.05
C LEU A 68 -19.58 18.61 -25.05
N LYS A 69 -20.00 19.08 -23.90
CA LYS A 69 -20.40 20.51 -23.63
C LYS A 69 -19.12 21.31 -23.36
N SER A 70 -18.60 21.97 -24.40
CA SER A 70 -17.29 22.67 -24.44
C SER A 70 -17.14 23.67 -23.28
N GLU A 71 -18.25 24.29 -22.85
CA GLU A 71 -18.21 25.27 -21.71
C GLU A 71 -17.84 24.63 -20.38
N LEU A 72 -18.03 23.30 -20.17
CA LEU A 72 -17.72 22.62 -18.91
C LEU A 72 -16.20 22.31 -18.81
N TRP A 73 -15.43 22.47 -19.88
CA TRP A 73 -14.03 21.94 -19.90
C TRP A 73 -13.01 23.09 -20.07
N LYS A 74 -13.36 24.34 -19.73
CA LYS A 74 -12.43 25.49 -19.90
C LYS A 74 -11.67 25.75 -18.60
N PRO A 75 -10.38 26.11 -18.70
CA PRO A 75 -9.57 26.47 -17.52
C PRO A 75 -10.16 27.61 -16.66
N GLU A 76 -10.76 28.63 -17.30
CA GLU A 76 -11.33 29.80 -16.57
C GLU A 76 -12.53 29.35 -15.72
N ALA A 77 -13.33 28.36 -16.13
CA ALA A 77 -14.45 27.83 -15.32
C ALA A 77 -13.92 27.07 -14.11
N PHE A 78 -12.86 26.25 -14.25
CA PHE A 78 -12.31 25.51 -13.10
C PHE A 78 -11.82 26.56 -12.09
N SER A 79 -11.16 27.60 -12.56
CA SER A 79 -10.59 28.62 -11.62
C SER A 79 -11.71 29.34 -10.87
N GLN A 80 -12.77 29.77 -11.56
CA GLN A 80 -13.95 30.50 -10.99
C GLN A 80 -14.64 29.62 -9.95
N GLU A 81 -14.89 28.35 -10.28
CA GLU A 81 -15.73 27.45 -9.43
C GLU A 81 -14.94 26.84 -8.26
N PHE A 82 -13.63 26.55 -8.37
CA PHE A 82 -12.89 25.73 -7.41
C PHE A 82 -11.62 26.42 -6.94
N GLY A 83 -11.38 27.69 -7.32
CA GLY A 83 -10.07 28.36 -7.17
C GLY A 83 -9.56 28.51 -5.76
N ASP A 84 -10.45 28.46 -4.74
CA ASP A 84 -10.02 28.59 -3.31
C ASP A 84 -9.61 27.27 -2.67
N GLN A 85 -9.65 26.14 -3.38
CA GLN A 85 -9.11 24.87 -2.84
C GLN A 85 -7.60 24.85 -2.72
N ASP A 86 -7.08 24.23 -1.66
CA ASP A 86 -5.64 24.04 -1.40
C ASP A 86 -5.11 22.77 -2.10
N VAL A 87 -3.94 22.88 -2.74
CA VAL A 87 -3.38 21.80 -3.60
C VAL A 87 -1.87 21.85 -3.54
N ASP A 88 -1.21 20.79 -4.03
CA ASP A 88 0.22 20.75 -4.30
C ASP A 88 0.45 20.67 -5.82
N LEU A 89 1.48 21.35 -6.29
CA LEU A 89 1.94 21.32 -7.70
C LEU A 89 3.29 20.62 -7.77
N VAL A 90 3.69 20.19 -8.96
CA VAL A 90 5.08 19.73 -9.25
C VAL A 90 5.73 20.56 -10.35
N ASN A 91 6.99 20.96 -10.13
CA ASN A 91 7.84 21.62 -11.16
C ASN A 91 8.31 20.49 -12.09
N CYS A 92 7.80 20.41 -13.33
CA CYS A 92 8.15 19.26 -14.23
C CYS A 92 9.65 19.21 -14.58
N ARG A 93 10.39 20.31 -14.50
CA ARG A 93 11.82 20.42 -14.92
C ARG A 93 12.74 19.72 -13.89
N ASN A 94 12.48 19.84 -12.60
CA ASN A 94 13.41 19.38 -11.52
C ASN A 94 12.68 18.54 -10.49
N CYS A 95 11.40 18.24 -10.67
CA CYS A 95 10.55 17.48 -9.73
C CYS A 95 10.34 18.15 -8.36
N ALA A 96 10.68 19.42 -8.17
CA ALA A 96 10.43 20.14 -6.88
C ALA A 96 8.90 20.22 -6.62
N ILE A 97 8.49 19.94 -5.38
CA ILE A 97 7.07 20.07 -4.94
C ILE A 97 6.79 21.50 -4.47
N ILE A 98 5.72 22.11 -4.97
CA ILE A 98 5.21 23.42 -4.46
C ILE A 98 4.00 23.09 -3.58
N SER A 99 4.16 23.17 -2.25
CA SER A 99 3.15 22.68 -1.26
C SER A 99 2.09 23.75 -0.91
N ASP A 100 0.85 23.34 -0.79
CA ASP A 100 -0.24 24.06 -0.10
C ASP A 100 -0.44 25.45 -0.70
N VAL A 101 -0.62 25.51 -2.02
CA VAL A 101 -1.02 26.76 -2.73
C VAL A 101 -2.48 26.64 -3.19
N LYS A 102 -3.12 27.73 -3.61
CA LYS A 102 -4.50 27.73 -4.11
C LYS A 102 -4.54 27.21 -5.54
N VAL A 103 -5.56 26.45 -5.86
CA VAL A 103 -5.60 25.91 -7.24
C VAL A 103 -5.77 27.02 -8.29
N ARG A 104 -6.32 28.20 -7.95
CA ARG A 104 -6.33 29.33 -8.93
C ARG A 104 -4.89 29.70 -9.32
N ASP A 105 -3.87 29.51 -8.48
CA ASP A 105 -2.46 29.91 -8.81
C ASP A 105 -2.01 29.05 -10.02
N PHE A 106 -2.53 27.80 -10.13
CA PHE A 106 -2.24 26.93 -11.32
C PHE A 106 -3.09 27.40 -12.50
N TRP A 107 -4.42 27.40 -12.34
CA TRP A 107 -5.35 27.66 -13.47
C TRP A 107 -5.13 29.02 -14.13
N ASP A 108 -4.87 30.07 -13.37
CA ASP A 108 -4.75 31.43 -13.99
C ASP A 108 -3.52 31.58 -14.88
N GLY A 109 -2.48 30.73 -14.75
CA GLY A 109 -1.31 30.69 -15.62
C GLY A 109 -1.39 29.59 -16.69
N PHE A 110 -2.52 28.96 -16.91
CA PHE A 110 -2.63 27.75 -17.80
C PHE A 110 -2.28 28.15 -19.23
N GLU A 111 -2.75 29.31 -19.66
CA GLU A 111 -2.50 29.81 -21.05
C GLU A 111 -1.74 31.13 -21.05
N ILE A 112 -1.88 31.90 -20.00
CA ILE A 112 -1.27 33.25 -19.96
C ILE A 112 0.07 33.17 -19.25
N ILE A 113 1.16 33.16 -19.99
CA ILE A 113 2.51 32.88 -19.47
C ILE A 113 2.95 33.93 -18.41
N CYS A 114 2.60 35.23 -18.60
CA CYS A 114 2.89 36.38 -17.66
C CYS A 114 2.18 36.16 -16.32
N LYS A 115 1.36 35.13 -16.11
CA LYS A 115 0.70 34.91 -14.78
C LYS A 115 1.33 33.68 -14.08
N ARG A 116 2.27 32.96 -14.69
CA ARG A 116 2.79 31.71 -14.08
C ARG A 116 3.72 31.99 -12.90
N LEU A 117 3.67 31.16 -11.85
CA LEU A 117 4.68 31.10 -10.76
C LEU A 117 6.09 30.97 -11.39
N ARG A 118 7.05 31.72 -10.86
CA ARG A 118 8.42 31.82 -11.46
C ARG A 118 9.40 31.08 -10.56
N SER A 119 10.38 30.38 -11.17
CA SER A 119 11.50 29.76 -10.44
C SER A 119 12.51 30.87 -10.08
N GLU A 120 13.52 30.48 -9.33
CA GLU A 120 14.59 31.39 -8.80
C GLU A 120 15.31 32.12 -9.95
N ASP A 121 15.52 31.44 -11.08
CA ASP A 121 16.18 31.97 -12.31
C ASP A 121 15.29 33.02 -12.96
N GLY A 122 14.07 33.21 -12.43
CA GLY A 122 13.06 34.17 -12.94
C GLY A 122 12.32 33.71 -14.17
N GLN A 123 12.39 32.42 -14.55
CA GLN A 123 11.61 31.90 -15.72
C GLN A 123 10.22 31.43 -15.24
N PRO A 124 9.20 31.47 -16.11
CA PRO A 124 7.92 30.89 -15.73
C PRO A 124 8.06 29.36 -15.64
N MET A 125 7.55 28.73 -14.59
CA MET A 125 7.68 27.25 -14.41
C MET A 125 6.68 26.49 -15.28
N VAL A 126 7.11 25.27 -15.65
CA VAL A 126 6.20 24.26 -16.27
C VAL A 126 5.66 23.39 -15.16
N LEU A 127 4.38 23.54 -14.82
CA LEU A 127 3.76 22.96 -13.61
C LEU A 127 2.75 21.87 -13.98
N LYS A 128 2.69 20.86 -13.12
CA LYS A 128 1.66 19.82 -13.13
C LYS A 128 0.85 19.96 -11.84
N LEU A 129 -0.46 19.92 -11.93
CA LEU A 129 -1.40 19.95 -10.78
C LEU A 129 -1.54 18.50 -10.27
N LYS A 130 -1.13 18.28 -9.03
CA LYS A 130 -1.10 16.88 -8.46
C LYS A 130 -2.46 16.51 -7.87
N ASP A 131 -2.97 15.30 -8.20
CA ASP A 131 -4.07 14.61 -7.45
C ASP A 131 -5.26 15.57 -7.27
N TRP A 132 -5.83 16.08 -8.37
CA TRP A 132 -6.96 17.05 -8.33
C TRP A 132 -7.95 16.77 -9.45
N PRO A 133 -9.26 16.62 -9.17
CA PRO A 133 -9.78 16.41 -7.82
C PRO A 133 -9.11 15.23 -7.09
N PRO A 134 -9.02 15.28 -5.73
CA PRO A 134 -8.29 14.26 -4.98
C PRO A 134 -9.00 12.89 -4.82
N GLY A 135 -8.19 11.83 -4.80
CA GLY A 135 -8.62 10.42 -4.68
C GLY A 135 -9.77 10.13 -5.62
N GLU A 136 -10.90 9.69 -5.09
CA GLU A 136 -12.10 9.27 -5.87
C GLU A 136 -13.17 10.38 -5.87
N ASP A 137 -12.81 11.65 -5.61
CA ASP A 137 -13.83 12.73 -5.38
C ASP A 137 -14.31 13.41 -6.65
N PHE A 138 -13.91 13.02 -7.88
CA PHE A 138 -14.37 13.72 -9.10
C PHE A 138 -15.92 13.83 -9.15
N ARG A 139 -16.64 12.70 -9.01
CA ARG A 139 -18.11 12.64 -9.17
C ARG A 139 -18.82 13.55 -8.14
N ASP A 140 -18.38 13.53 -6.88
CA ASP A 140 -18.96 14.36 -5.79
C ASP A 140 -18.72 15.86 -6.09
N MET A 141 -17.51 16.21 -6.50
CA MET A 141 -17.10 17.63 -6.70
C MET A 141 -17.70 18.20 -7.98
N MET A 142 -17.78 17.38 -9.06
CA MET A 142 -18.11 17.85 -10.42
C MET A 142 -19.19 16.95 -11.05
N PRO A 143 -20.42 16.87 -10.51
CA PRO A 143 -21.43 15.94 -11.04
C PRO A 143 -21.83 16.19 -12.50
N THR A 144 -21.92 17.42 -12.98
CA THR A 144 -22.29 17.77 -14.35
C THR A 144 -21.16 17.29 -15.31
N ARG A 145 -19.90 17.54 -14.96
CA ARG A 145 -18.71 17.06 -15.73
C ARG A 145 -18.71 15.53 -15.81
N PHE A 146 -18.95 14.87 -14.68
CA PHE A 146 -18.97 13.40 -14.56
C PHE A 146 -19.98 12.86 -15.58
N GLU A 147 -21.23 13.36 -15.55
CA GLU A 147 -22.28 12.92 -16.51
C GLU A 147 -21.86 13.16 -17.97
N ASP A 148 -21.31 14.34 -18.31
CA ASP A 148 -20.96 14.73 -19.69
C ASP A 148 -19.87 13.77 -20.23
N LEU A 149 -18.93 13.41 -19.38
CA LEU A 149 -17.82 12.51 -19.78
C LEU A 149 -18.38 11.09 -19.92
N MET A 150 -18.99 10.56 -18.85
CA MET A 150 -19.32 9.11 -18.79
C MET A 150 -20.31 8.74 -19.91
N GLU A 151 -21.22 9.64 -20.29
CA GLU A 151 -22.25 9.39 -21.33
C GLU A 151 -21.68 9.46 -22.75
N ASN A 152 -20.43 9.93 -22.92
CA ASN A 152 -19.84 10.16 -24.26
C ASN A 152 -18.55 9.32 -24.42
N LEU A 153 -18.19 8.47 -23.49
CA LEU A 153 -16.99 7.59 -23.64
C LEU A 153 -17.24 6.62 -24.82
N PRO A 154 -16.24 6.45 -25.70
CA PRO A 154 -16.30 5.43 -26.76
C PRO A 154 -16.21 4.02 -26.20
N LEU A 155 -16.67 3.01 -26.99
CA LEU A 155 -16.62 1.55 -26.64
C LEU A 155 -17.29 1.36 -25.28
N PRO A 156 -18.55 1.87 -25.13
CA PRO A 156 -19.19 1.91 -23.80
C PRO A 156 -19.44 0.54 -23.14
N GLU A 157 -19.51 -0.58 -23.88
CA GLU A 157 -19.63 -1.91 -23.24
C GLU A 157 -18.35 -2.23 -22.46
N TYR A 158 -17.18 -1.73 -22.90
CA TYR A 158 -15.92 -1.88 -22.16
C TYR A 158 -15.77 -0.80 -21.07
N THR A 159 -16.08 0.47 -21.35
CA THR A 159 -15.59 1.65 -20.58
C THR A 159 -16.58 2.13 -19.50
N LYS A 160 -17.89 1.89 -19.64
CA LYS A 160 -18.88 2.34 -18.60
C LYS A 160 -18.76 1.47 -17.35
N ARG A 161 -19.06 2.05 -16.17
CA ARG A 161 -18.81 1.38 -14.87
C ARG A 161 -19.49 0.00 -14.83
N ASP A 162 -20.66 -0.08 -15.44
CA ASP A 162 -21.57 -1.24 -15.50
C ASP A 162 -21.64 -1.84 -16.91
N GLY A 163 -20.72 -1.52 -17.82
CA GLY A 163 -20.70 -2.15 -19.15
C GLY A 163 -20.60 -3.65 -19.04
N ARG A 164 -21.19 -4.35 -20.01
CA ARG A 164 -21.21 -5.84 -20.07
C ARG A 164 -19.80 -6.42 -20.17
N LEU A 165 -18.86 -5.71 -20.81
CA LEU A 165 -17.49 -6.23 -20.97
C LEU A 165 -16.52 -5.57 -20.01
N ASN A 166 -17.02 -4.88 -18.97
CA ASN A 166 -16.17 -4.33 -17.91
C ASN A 166 -16.35 -5.22 -16.67
N LEU A 167 -15.34 -5.97 -16.34
CA LEU A 167 -15.42 -6.94 -15.22
C LEU A 167 -15.11 -6.25 -13.87
N ALA A 168 -14.87 -4.94 -13.83
CA ALA A 168 -14.40 -4.28 -12.59
C ALA A 168 -15.33 -4.57 -11.41
N SER A 169 -16.65 -4.50 -11.61
CA SER A 169 -17.63 -4.62 -10.49
C SER A 169 -17.93 -6.09 -10.19
N ARG A 170 -17.34 -7.03 -10.93
CA ARG A 170 -17.78 -8.45 -10.97
C ARG A 170 -16.68 -9.37 -10.46
N LEU A 171 -15.57 -8.86 -9.97
CA LEU A 171 -14.43 -9.76 -9.65
C LEU A 171 -14.26 -9.94 -8.14
N PRO A 172 -13.84 -11.12 -7.69
CA PRO A 172 -13.52 -11.28 -6.27
C PRO A 172 -12.15 -10.69 -5.93
N SER A 173 -11.78 -10.81 -4.66
CA SER A 173 -10.60 -10.13 -4.07
C SER A 173 -9.29 -10.75 -4.53
N TYR A 174 -9.33 -11.86 -5.26
CA TYR A 174 -8.18 -12.49 -5.93
C TYR A 174 -7.68 -11.58 -7.08
N PHE A 175 -8.41 -10.51 -7.40
CA PHE A 175 -8.08 -9.51 -8.46
C PHE A 175 -7.92 -8.13 -7.82
N VAL A 176 -6.91 -7.38 -8.25
CA VAL A 176 -6.74 -5.95 -7.90
C VAL A 176 -7.81 -5.20 -8.69
N ARG A 177 -8.73 -4.55 -7.99
CA ARG A 177 -9.84 -3.78 -8.55
C ARG A 177 -9.48 -2.29 -8.66
N PRO A 178 -9.81 -1.59 -9.76
CA PRO A 178 -9.51 -0.16 -9.87
C PRO A 178 -10.35 0.69 -8.91
N ASP A 179 -9.82 1.87 -8.58
CA ASP A 179 -10.53 2.87 -7.73
C ASP A 179 -11.69 3.37 -8.59
N LEU A 180 -12.69 3.99 -7.97
CA LEU A 180 -13.81 4.67 -8.67
C LEU A 180 -13.24 5.93 -9.35
N GLY A 181 -13.57 6.12 -10.61
CA GLY A 181 -12.99 7.20 -11.44
C GLY A 181 -14.09 8.20 -11.74
N PRO A 182 -13.92 9.04 -12.76
CA PRO A 182 -12.64 9.21 -13.44
C PRO A 182 -11.61 10.04 -12.67
N LYS A 183 -10.41 10.20 -13.24
CA LYS A 183 -9.28 11.01 -12.70
C LYS A 183 -8.91 12.07 -13.74
N MET A 184 -8.72 13.32 -13.30
CA MET A 184 -8.30 14.44 -14.12
C MET A 184 -6.78 14.62 -14.04
N TYR A 185 -6.15 14.92 -15.18
CA TYR A 185 -4.70 15.10 -15.33
C TYR A 185 -4.48 16.45 -16.03
N ASN A 186 -3.95 17.43 -15.27
CA ASN A 186 -3.83 18.87 -15.67
C ASN A 186 -2.37 19.29 -15.56
N ALA A 187 -1.78 19.79 -16.63
CA ALA A 187 -0.38 20.24 -16.65
C ALA A 187 -0.12 21.19 -17.82
N TYR A 188 0.87 22.07 -17.64
CA TYR A 188 1.33 23.00 -18.67
C TYR A 188 2.12 22.22 -19.75
N GLY A 189 2.33 22.84 -20.91
CA GLY A 189 3.21 22.27 -21.95
C GLY A 189 4.68 22.46 -21.67
N LEU A 190 5.51 21.51 -22.08
CA LEU A 190 6.98 21.63 -22.05
C LEU A 190 7.38 22.53 -23.22
N ILE A 191 8.39 23.35 -23.01
CA ILE A 191 8.62 24.56 -23.86
C ILE A 191 9.95 24.46 -24.60
N THR A 192 11.07 24.21 -23.92
CA THR A 192 12.44 24.43 -24.47
C THR A 192 13.06 23.17 -25.07
N ALA A 193 14.22 23.31 -25.72
CA ALA A 193 15.02 22.16 -26.21
C ALA A 193 15.41 21.24 -25.05
N GLU A 194 15.88 21.76 -23.91
CA GLU A 194 16.21 20.97 -22.70
C GLU A 194 14.96 20.20 -22.22
N ASP A 195 13.79 20.83 -22.30
CA ASP A 195 12.51 20.22 -21.84
C ASP A 195 12.17 18.96 -22.67
N ARG A 196 12.77 18.77 -23.85
CA ARG A 196 12.40 17.63 -24.74
C ARG A 196 12.68 16.30 -24.02
N ARG A 197 13.65 16.26 -23.11
CA ARG A 197 14.11 15.04 -22.40
C ARG A 197 13.32 14.75 -21.10
N VAL A 198 12.32 15.56 -20.74
CA VAL A 198 11.55 15.54 -19.45
C VAL A 198 10.17 14.94 -19.75
N GLY A 199 9.55 14.22 -18.80
CA GLY A 199 8.17 13.77 -18.93
C GLY A 199 7.20 14.64 -18.16
N THR A 200 5.99 14.71 -18.63
CA THR A 200 4.84 15.18 -17.80
C THR A 200 4.45 14.09 -16.81
N THR A 201 4.25 12.85 -17.31
CA THR A 201 4.10 11.62 -16.51
C THR A 201 5.19 10.62 -16.94
N ASN A 202 6.03 10.19 -16.00
CA ASN A 202 7.14 9.27 -16.26
C ASN A 202 6.62 7.87 -16.65
N LEU A 203 7.53 7.09 -17.18
CA LEU A 203 7.28 5.67 -17.59
C LEU A 203 6.76 4.88 -16.40
N HIS A 204 5.60 4.23 -16.54
CA HIS A 204 4.97 3.36 -15.52
C HIS A 204 4.01 2.39 -16.17
N LEU A 205 3.41 1.48 -15.39
CA LEU A 205 2.32 0.64 -15.93
C LEU A 205 1.18 0.57 -14.88
N ASP A 206 -0.01 0.23 -15.35
CA ASP A 206 -1.26 0.09 -14.56
C ASP A 206 -1.74 -1.35 -14.73
N VAL A 207 -2.32 -1.95 -13.69
CA VAL A 207 -2.80 -3.36 -13.80
C VAL A 207 -4.22 -3.47 -14.35
N SER A 208 -4.93 -2.35 -14.51
N SER A 208 -4.92 -2.35 -14.49
CA SER A 208 -6.24 -2.26 -15.23
CA SER A 208 -6.22 -2.21 -15.19
C SER A 208 -6.04 -1.55 -16.56
C SER A 208 -5.98 -1.64 -16.61
N ASP A 209 -6.96 -1.81 -17.50
CA ASP A 209 -7.06 -1.04 -18.75
C ASP A 209 -7.46 0.41 -18.42
N ALA A 210 -7.26 1.34 -19.36
CA ALA A 210 -7.73 2.73 -19.18
C ALA A 210 -8.06 3.37 -20.51
N VAL A 211 -8.97 4.33 -20.50
CA VAL A 211 -9.24 5.25 -21.64
C VAL A 211 -8.96 6.68 -21.16
N ASN A 212 -8.09 7.39 -21.88
CA ASN A 212 -7.65 8.76 -21.54
C ASN A 212 -8.16 9.71 -22.63
N VAL A 213 -9.02 10.69 -22.26
CA VAL A 213 -9.63 11.62 -23.25
C VAL A 213 -9.02 13.03 -23.11
N MET A 214 -8.55 13.60 -24.20
CA MET A 214 -8.07 15.02 -24.25
C MET A 214 -9.28 15.96 -24.43
N VAL A 215 -9.68 16.68 -23.36
CA VAL A 215 -10.95 17.48 -23.33
C VAL A 215 -10.65 18.95 -23.58
N TYR A 216 -9.39 19.38 -23.46
CA TYR A 216 -9.01 20.80 -23.71
C TYR A 216 -7.50 20.90 -23.98
N VAL A 217 -7.10 21.69 -24.97
CA VAL A 217 -5.70 22.05 -25.27
C VAL A 217 -5.61 23.59 -25.29
N GLY A 218 -4.74 24.11 -24.43
CA GLY A 218 -4.45 25.55 -24.31
C GLY A 218 -3.16 25.88 -25.01
N ILE A 219 -3.23 26.68 -26.06
CA ILE A 219 -2.01 27.15 -26.79
C ILE A 219 -1.77 28.60 -26.38
N PRO A 220 -0.70 28.98 -25.64
CA PRO A 220 -0.44 30.42 -25.44
C PRO A 220 -0.19 31.18 -26.76
N ILE A 221 -0.47 32.49 -26.78
CA ILE A 221 0.03 33.42 -27.86
C ILE A 221 0.86 34.55 -27.23
N GLY A 222 0.82 34.72 -25.91
CA GLY A 222 1.61 35.72 -25.14
C GLY A 222 3.09 35.58 -25.38
N GLU A 223 3.74 34.63 -24.70
CA GLU A 223 5.07 34.07 -25.07
C GLU A 223 4.79 32.92 -26.04
N GLY A 224 4.17 33.24 -27.18
CA GLY A 224 3.62 32.29 -28.16
C GLY A 224 4.29 32.42 -29.52
N ALA A 225 5.60 32.13 -29.56
CA ALA A 225 6.39 31.86 -30.78
C ALA A 225 7.12 30.52 -30.62
N HIS A 226 6.61 29.68 -29.71
CA HIS A 226 7.19 28.38 -29.26
C HIS A 226 6.59 27.23 -30.07
N ASP A 227 5.74 27.55 -31.04
N ASP A 227 5.61 27.52 -30.96
CA ASP A 227 5.04 26.58 -31.93
CA ASP A 227 5.04 26.58 -31.97
C ASP A 227 6.07 25.95 -32.88
C ASP A 227 6.19 25.86 -32.68
N GLU A 228 7.25 26.59 -33.02
CA GLU A 228 8.38 26.12 -33.87
C GLU A 228 9.07 24.93 -33.19
N GLU A 229 9.28 24.95 -31.87
CA GLU A 229 9.98 23.85 -31.14
C GLU A 229 9.02 22.66 -30.90
N VAL A 230 7.70 22.86 -31.07
CA VAL A 230 6.69 21.74 -31.05
C VAL A 230 6.86 20.88 -32.31
N LEU A 231 7.04 21.50 -33.48
CA LEU A 231 7.29 20.80 -34.79
C LEU A 231 8.45 19.80 -34.64
N LYS A 232 9.56 20.24 -34.04
CA LYS A 232 10.82 19.44 -33.96
C LYS A 232 10.61 18.27 -32.99
N THR A 233 9.91 18.50 -31.87
CA THR A 233 9.72 17.54 -30.76
C THR A 233 8.99 16.27 -31.25
N ILE A 234 7.95 16.45 -32.06
CA ILE A 234 7.17 15.35 -32.71
C ILE A 234 8.11 14.54 -33.62
N ASP A 235 8.98 15.26 -34.34
CA ASP A 235 10.03 14.69 -35.24
C ASP A 235 10.95 13.76 -34.43
N GLU A 236 11.59 14.33 -33.40
CA GLU A 236 12.52 13.62 -32.47
C GLU A 236 11.79 12.47 -31.77
N GLY A 237 10.46 12.61 -31.58
CA GLY A 237 9.63 11.62 -30.87
C GLY A 237 9.32 10.39 -31.71
N ASP A 238 9.67 10.36 -33.03
CA ASP A 238 9.53 9.16 -33.90
C ASP A 238 8.10 9.05 -34.45
N ALA A 239 7.34 10.16 -34.51
CA ALA A 239 5.94 10.15 -35.01
C ALA A 239 5.93 9.78 -36.50
N ASP A 240 4.95 8.97 -36.92
CA ASP A 240 4.86 8.47 -38.32
C ASP A 240 4.46 9.61 -39.26
N GLU A 241 4.60 9.36 -40.57
CA GLU A 241 4.37 10.39 -41.61
C GLU A 241 2.90 10.82 -41.64
N VAL A 242 1.97 9.90 -41.43
CA VAL A 242 0.52 10.24 -41.45
C VAL A 242 0.16 11.14 -40.23
N THR A 243 0.66 10.86 -39.03
CA THR A 243 0.47 11.73 -37.85
C THR A 243 1.06 13.11 -38.17
N LYS A 244 2.18 13.16 -38.88
CA LYS A 244 2.79 14.47 -39.27
C LYS A 244 1.91 15.26 -40.24
N GLU A 245 1.37 14.56 -41.24
CA GLU A 245 0.36 15.08 -42.18
C GLU A 245 -0.71 15.76 -41.31
N ARG A 246 -1.12 15.10 -40.23
CA ARG A 246 -2.12 15.64 -39.25
C ARG A 246 -1.56 16.91 -38.59
N ILE A 247 -0.28 16.90 -38.18
CA ILE A 247 0.44 18.10 -37.65
C ILE A 247 0.62 19.14 -38.76
N HIS A 248 1.19 18.74 -39.90
CA HIS A 248 1.61 19.63 -41.01
C HIS A 248 0.38 20.36 -41.61
N ASP A 249 -0.78 19.69 -41.65
CA ASP A 249 -2.05 20.24 -42.20
C ASP A 249 -2.54 21.41 -41.34
N HIS A 250 -2.33 21.35 -40.02
CA HIS A 250 -2.39 22.51 -39.09
C HIS A 250 -3.85 22.94 -38.84
N LYS A 251 -4.79 22.00 -38.83
CA LYS A 251 -6.23 22.25 -38.52
C LYS A 251 -6.56 21.77 -37.10
N GLU A 252 -5.94 20.69 -36.62
CA GLU A 252 -6.20 20.13 -35.26
C GLU A 252 -5.04 20.45 -34.27
N LYS A 253 -5.45 20.74 -33.03
CA LYS A 253 -4.58 21.17 -31.89
C LYS A 253 -3.93 19.94 -31.23
N PRO A 254 -2.59 19.77 -31.31
CA PRO A 254 -1.88 18.64 -30.68
C PRO A 254 -1.70 18.91 -29.19
N GLY A 255 -2.04 17.97 -28.32
CA GLY A 255 -1.90 18.14 -26.87
C GLY A 255 -0.65 17.51 -26.31
N ALA A 256 -0.45 16.18 -26.52
CA ALA A 256 0.59 15.42 -25.81
C ALA A 256 1.18 14.31 -26.70
N LEU A 257 2.46 14.09 -26.52
CA LEU A 257 3.23 12.96 -27.17
C LEU A 257 3.29 11.82 -26.15
N TRP A 258 2.77 10.64 -26.55
CA TRP A 258 2.86 9.39 -25.73
C TRP A 258 3.90 8.44 -26.34
N HIS A 259 4.55 7.64 -25.52
CA HIS A 259 5.16 6.36 -25.97
C HIS A 259 4.55 5.24 -25.16
N ILE A 260 4.03 4.21 -25.86
CA ILE A 260 3.40 3.03 -25.23
C ILE A 260 4.20 1.81 -25.70
N TYR A 261 4.39 0.84 -24.83
CA TYR A 261 5.13 -0.43 -25.09
C TYR A 261 4.20 -1.58 -24.74
N ALA A 262 4.32 -2.71 -25.49
CA ALA A 262 3.52 -3.91 -25.20
C ALA A 262 3.83 -4.47 -23.82
N ALA A 263 2.83 -4.99 -23.12
CA ALA A 263 2.99 -5.58 -21.79
C ALA A 263 4.08 -6.67 -21.86
N LYS A 264 4.19 -7.41 -22.97
CA LYS A 264 5.15 -8.54 -23.08
C LYS A 264 6.59 -8.02 -23.04
N ASP A 265 6.84 -6.73 -23.28
CA ASP A 265 8.20 -6.13 -23.33
C ASP A 265 8.59 -5.46 -22.01
N ALA A 266 7.76 -5.54 -20.98
CA ALA A 266 8.02 -4.81 -19.71
C ALA A 266 9.34 -5.27 -19.04
N GLU A 267 9.64 -6.59 -19.04
CA GLU A 267 10.88 -7.03 -18.35
C GLU A 267 12.13 -6.58 -19.12
N LYS A 268 12.13 -6.62 -20.46
CA LYS A 268 13.26 -6.10 -21.24
C LYS A 268 13.49 -4.62 -20.95
N ILE A 269 12.43 -3.82 -20.82
CA ILE A 269 12.60 -2.39 -20.45
C ILE A 269 13.21 -2.32 -19.05
N ARG A 270 12.79 -3.17 -18.11
CA ARG A 270 13.41 -3.16 -16.74
C ARG A 270 14.93 -3.47 -16.84
N GLU A 271 15.31 -4.40 -17.70
CA GLU A 271 16.75 -4.74 -17.87
C GLU A 271 17.52 -3.54 -18.40
N LEU A 272 17.00 -2.82 -19.40
CA LEU A 272 17.66 -1.59 -19.91
C LEU A 272 17.82 -0.57 -18.78
N LEU A 273 16.76 -0.32 -18.01
CA LEU A 273 16.81 0.77 -17.01
C LEU A 273 17.74 0.38 -15.85
N ARG A 274 17.86 -0.92 -15.51
CA ARG A 274 18.85 -1.33 -14.47
C ARG A 274 20.27 -1.08 -14.96
N LYS A 275 20.55 -1.37 -16.21
CA LYS A 275 21.88 -1.14 -16.84
C LYS A 275 22.18 0.37 -16.86
N VAL A 276 21.22 1.18 -17.25
CA VAL A 276 21.46 2.66 -17.30
C VAL A 276 21.59 3.21 -15.87
N GLY A 277 20.77 2.79 -14.91
CA GLY A 277 20.91 3.25 -13.51
C GLY A 277 22.31 2.96 -12.98
N GLU A 278 22.85 1.78 -13.30
CA GLU A 278 24.23 1.36 -12.89
C GLU A 278 25.25 2.29 -13.57
N GLU A 279 25.15 2.49 -14.89
CA GLU A 279 26.07 3.37 -15.65
C GLU A 279 26.10 4.77 -15.01
N GLN A 280 24.96 5.27 -14.54
CA GLN A 280 24.80 6.64 -13.99
C GLN A 280 25.18 6.70 -12.49
N GLY A 281 25.58 5.58 -11.89
CA GLY A 281 26.09 5.56 -10.52
C GLY A 281 24.99 5.34 -9.49
N GLN A 282 23.76 5.06 -9.89
CA GLN A 282 22.72 4.61 -8.91
C GLN A 282 23.23 3.32 -8.27
N GLU A 283 22.90 3.07 -7.01
CA GLU A 283 23.31 1.80 -6.33
C GLU A 283 22.01 1.08 -5.96
N ASN A 284 21.55 0.21 -6.85
CA ASN A 284 20.23 -0.44 -6.79
C ASN A 284 20.44 -1.94 -6.65
N PRO A 285 19.63 -2.66 -5.82
CA PRO A 285 19.63 -4.13 -5.83
C PRO A 285 19.24 -4.68 -7.20
N PRO A 286 19.73 -5.89 -7.57
CA PRO A 286 19.63 -6.38 -8.95
C PRO A 286 18.19 -6.68 -9.41
N ASP A 287 17.26 -6.66 -8.45
CA ASP A 287 15.83 -7.07 -8.62
C ASP A 287 14.90 -5.85 -8.55
N HIS A 288 15.40 -4.64 -8.21
CA HIS A 288 14.52 -3.46 -8.01
C HIS A 288 13.79 -3.18 -9.34
N ASP A 289 12.64 -2.50 -9.23
CA ASP A 289 11.68 -2.32 -10.37
C ASP A 289 11.68 -0.85 -10.82
N PRO A 290 12.45 -0.51 -11.86
CA PRO A 290 12.57 0.88 -12.36
C PRO A 290 11.28 1.37 -13.02
N ILE A 291 10.41 0.45 -13.46
CA ILE A 291 9.08 0.88 -13.99
C ILE A 291 8.15 1.28 -12.82
N HIS A 292 8.03 0.45 -11.78
CA HIS A 292 7.17 0.76 -10.62
C HIS A 292 7.63 2.05 -9.93
N ASP A 293 8.93 2.30 -9.90
CA ASP A 293 9.55 3.53 -9.30
C ASP A 293 9.10 4.83 -9.98
N GLN A 294 8.73 4.78 -11.28
CA GLN A 294 8.08 5.93 -11.99
C GLN A 294 9.07 7.11 -11.99
N SER A 295 10.36 6.80 -12.10
CA SER A 295 11.47 7.77 -12.04
C SER A 295 12.11 8.04 -13.41
N TRP A 296 11.80 7.29 -14.47
CA TRP A 296 12.45 7.41 -15.79
C TRP A 296 11.52 8.03 -16.85
N TYR A 297 12.08 8.86 -17.73
CA TYR A 297 11.48 9.26 -19.03
C TYR A 297 12.45 8.79 -20.12
N LEU A 298 11.95 7.97 -21.05
CA LEU A 298 12.76 7.46 -22.19
C LEU A 298 12.86 8.58 -23.24
N ASP A 299 14.01 9.28 -23.28
CA ASP A 299 14.32 10.32 -24.29
C ASP A 299 14.75 9.65 -25.62
N GLN A 300 15.06 10.42 -26.65
CA GLN A 300 15.39 9.86 -27.98
C GLN A 300 16.58 8.88 -27.85
N THR A 301 17.59 9.20 -27.04
CA THR A 301 18.78 8.33 -26.81
C THR A 301 18.34 6.97 -26.25
N LEU A 302 17.50 7.00 -25.22
CA LEU A 302 17.09 5.75 -24.52
C LEU A 302 16.14 4.95 -25.43
N ARG A 303 15.26 5.58 -26.21
CA ARG A 303 14.33 4.84 -27.08
C ARG A 303 15.15 4.11 -28.14
N LYS A 304 16.17 4.75 -28.67
CA LYS A 304 17.03 4.12 -29.70
C LYS A 304 17.79 2.92 -29.10
N ARG A 305 18.32 3.07 -27.90
CA ARG A 305 19.06 2.00 -27.18
C ARG A 305 18.11 0.81 -26.92
N LEU A 306 16.86 1.09 -26.58
CA LEU A 306 15.87 0.01 -26.34
C LEU A 306 15.68 -0.78 -27.62
N TYR A 307 15.50 -0.10 -28.74
CA TYR A 307 15.30 -0.74 -30.05
C TYR A 307 16.58 -1.56 -30.40
N GLU A 308 17.73 -0.90 -30.38
CA GLU A 308 18.99 -1.48 -30.96
C GLU A 308 19.51 -2.62 -30.06
N GLU A 309 19.54 -2.44 -28.75
CA GLU A 309 20.22 -3.34 -27.77
C GLU A 309 19.27 -4.45 -27.28
N TYR A 310 17.96 -4.23 -27.30
CA TYR A 310 16.99 -5.17 -26.71
C TYR A 310 15.92 -5.58 -27.73
N GLY A 311 15.86 -5.01 -28.93
CA GLY A 311 14.89 -5.46 -29.92
C GLY A 311 13.44 -5.03 -29.67
N VAL A 312 13.25 -3.95 -28.87
CA VAL A 312 11.86 -3.53 -28.45
C VAL A 312 11.42 -2.26 -29.22
N GLN A 313 10.27 -2.35 -29.85
CA GLN A 313 9.65 -1.22 -30.61
C GLN A 313 8.39 -0.81 -29.83
N GLY A 314 8.14 0.48 -29.76
CA GLY A 314 6.88 0.97 -29.16
C GLY A 314 5.97 1.66 -30.17
N TRP A 315 4.95 2.30 -29.64
CA TRP A 315 4.01 3.14 -30.41
C TRP A 315 4.20 4.61 -29.96
N ALA A 316 4.58 5.49 -30.86
CA ALA A 316 4.66 6.95 -30.63
C ALA A 316 3.34 7.56 -31.07
N ILE A 317 2.57 8.13 -30.14
CA ILE A 317 1.17 8.58 -30.41
C ILE A 317 1.06 10.09 -30.08
N VAL A 318 0.59 10.89 -31.03
CA VAL A 318 0.23 12.28 -30.71
C VAL A 318 -1.28 12.34 -30.46
N GLN A 319 -1.62 12.70 -29.19
CA GLN A 319 -3.01 12.86 -28.74
C GLN A 319 -3.48 14.31 -28.99
N PHE A 320 -4.34 14.50 -29.98
CA PHE A 320 -4.93 15.83 -30.33
C PHE A 320 -6.18 16.06 -29.47
N LEU A 321 -6.67 17.32 -29.46
CA LEU A 321 -7.96 17.64 -28.81
C LEU A 321 -9.05 16.65 -29.28
N GLY A 322 -9.75 16.03 -28.34
CA GLY A 322 -10.83 15.08 -28.54
C GLY A 322 -10.37 13.66 -28.85
N ASP A 323 -9.08 13.40 -28.85
CA ASP A 323 -8.60 11.99 -29.01
C ASP A 323 -8.70 11.20 -27.70
N ALA A 324 -9.22 9.96 -27.74
CA ALA A 324 -9.27 9.01 -26.62
C ALA A 324 -8.19 7.95 -26.85
N VAL A 325 -7.20 7.86 -25.99
CA VAL A 325 -6.12 6.81 -26.05
C VAL A 325 -6.57 5.64 -25.14
N PHE A 326 -6.64 4.42 -25.68
CA PHE A 326 -6.91 3.16 -24.96
C PHE A 326 -5.55 2.53 -24.63
N ILE A 327 -5.28 2.39 -23.32
CA ILE A 327 -3.96 1.89 -22.81
C ILE A 327 -4.17 0.48 -22.24
N PRO A 328 -3.59 -0.59 -22.85
CA PRO A 328 -3.78 -1.96 -22.36
C PRO A 328 -3.16 -2.16 -20.96
N ALA A 329 -3.88 -2.92 -20.12
CA ALA A 329 -3.31 -3.37 -18.82
C ALA A 329 -1.93 -3.98 -19.00
N GLY A 330 -1.00 -3.59 -18.12
CA GLY A 330 0.38 -4.09 -18.14
C GLY A 330 1.32 -3.37 -19.11
N ALA A 331 0.82 -2.49 -19.99
CA ALA A 331 1.63 -1.81 -21.01
C ALA A 331 2.38 -0.63 -20.40
N PRO A 332 3.73 -0.62 -20.33
CA PRO A 332 4.50 0.55 -19.90
C PRO A 332 4.19 1.76 -20.78
N HIS A 333 4.01 2.96 -20.20
CA HIS A 333 3.66 4.17 -21.00
C HIS A 333 4.18 5.43 -20.28
N GLN A 334 4.45 6.46 -21.08
CA GLN A 334 4.92 7.79 -20.61
C GLN A 334 4.21 8.86 -21.43
N VAL A 335 4.10 10.10 -20.89
CA VAL A 335 3.34 11.21 -21.49
C VAL A 335 4.19 12.49 -21.41
N HIS A 336 4.29 13.22 -22.51
CA HIS A 336 5.06 14.50 -22.61
C HIS A 336 4.10 15.57 -23.22
N ASN A 337 3.64 16.54 -22.44
CA ASN A 337 2.72 17.57 -22.95
C ASN A 337 3.46 18.52 -23.90
N LEU A 338 2.85 18.76 -25.05
CA LEU A 338 3.37 19.70 -26.08
C LEU A 338 2.82 21.08 -25.76
N TYR A 339 1.54 21.18 -25.45
CA TYR A 339 0.86 22.41 -24.99
C TYR A 339 0.18 22.12 -23.63
N SER A 340 -0.45 23.13 -23.01
CA SER A 340 -1.22 22.92 -21.76
C SER A 340 -2.42 21.99 -22.01
N CYS A 341 -2.56 20.97 -21.18
CA CYS A 341 -3.56 19.89 -21.38
C CYS A 341 -4.45 19.68 -20.19
N ILE A 342 -5.75 19.46 -20.48
CA ILE A 342 -6.74 18.87 -19.56
C ILE A 342 -7.12 17.48 -20.09
N LYS A 343 -6.74 16.42 -19.41
CA LYS A 343 -7.11 15.04 -19.75
C LYS A 343 -8.04 14.48 -18.67
N VAL A 344 -8.95 13.59 -19.04
CA VAL A 344 -9.78 12.82 -18.10
C VAL A 344 -9.69 11.34 -18.46
N ALA A 345 -9.38 10.50 -17.49
CA ALA A 345 -9.18 9.04 -17.72
C ALA A 345 -10.12 8.20 -16.86
N GLU A 346 -10.59 7.07 -17.39
CA GLU A 346 -11.43 6.08 -16.66
C GLU A 346 -10.74 4.71 -16.75
N ASP A 347 -10.59 4.02 -15.64
CA ASP A 347 -10.08 2.63 -15.64
C ASP A 347 -11.22 1.65 -15.90
N PHE A 348 -10.89 0.49 -16.45
CA PHE A 348 -11.87 -0.62 -16.68
C PHE A 348 -11.07 -1.93 -16.71
N VAL A 349 -11.77 -3.07 -16.64
CA VAL A 349 -11.15 -4.42 -16.67
C VAL A 349 -11.79 -5.24 -17.79
N SER A 350 -11.17 -5.24 -18.96
CA SER A 350 -11.66 -6.07 -20.09
C SER A 350 -11.36 -7.53 -19.85
N PRO A 351 -12.19 -8.45 -20.41
CA PRO A 351 -11.89 -9.87 -20.29
C PRO A 351 -10.56 -10.26 -20.98
N GLU A 352 -10.22 -9.54 -22.06
CA GLU A 352 -8.99 -9.78 -22.84
C GLU A 352 -7.76 -9.65 -21.95
N HIS A 353 -7.77 -8.80 -20.92
CA HIS A 353 -6.53 -8.44 -20.17
C HIS A 353 -6.64 -8.68 -18.65
N VAL A 354 -7.68 -9.40 -18.20
CA VAL A 354 -7.92 -9.65 -16.74
C VAL A 354 -6.71 -10.37 -16.12
N LYS A 355 -5.94 -11.21 -16.82
CA LYS A 355 -4.71 -11.83 -16.25
C LYS A 355 -3.81 -10.82 -15.56
N HIS A 356 -3.72 -9.56 -16.04
CA HIS A 356 -2.75 -8.58 -15.49
C HIS A 356 -3.09 -8.13 -14.07
N CYS A 357 -4.32 -8.32 -13.56
CA CYS A 357 -4.67 -7.89 -12.18
C CYS A 357 -4.87 -9.11 -11.24
N PHE A 358 -4.63 -10.34 -11.67
CA PHE A 358 -4.77 -11.54 -10.82
C PHE A 358 -3.60 -11.56 -9.81
N ARG A 359 -3.90 -11.88 -8.54
CA ARG A 359 -2.93 -11.82 -7.41
C ARG A 359 -2.16 -13.14 -7.25
N LEU A 360 -2.39 -14.20 -8.03
CA LEU A 360 -1.55 -15.42 -7.91
C LEU A 360 -0.73 -15.71 -9.18
N THR A 361 0.26 -16.58 -9.04
CA THR A 361 1.22 -17.10 -10.06
C THR A 361 1.72 -15.95 -10.93
N MET B 23 15.32 -22.30 44.41
CA MET B 23 15.96 -23.26 43.48
C MET B 23 15.14 -23.36 42.20
N THR B 24 14.01 -22.66 42.12
CA THR B 24 13.25 -22.51 40.84
C THR B 24 14.24 -22.10 39.74
N SER B 25 14.28 -22.85 38.64
CA SER B 25 15.09 -22.48 37.44
C SER B 25 14.61 -21.16 36.85
N HIS B 26 15.50 -20.19 36.77
CA HIS B 26 15.23 -18.85 36.23
C HIS B 26 16.52 -18.18 35.79
N SER B 27 16.38 -17.12 35.01
CA SER B 27 17.46 -16.17 34.62
C SER B 27 16.84 -14.80 34.38
N TRP B 28 17.67 -13.79 34.16
CA TRP B 28 17.25 -12.40 34.01
C TRP B 28 17.77 -11.92 32.65
N LEU B 29 16.87 -11.44 31.78
CA LEU B 29 17.25 -10.87 30.46
C LEU B 29 17.01 -9.36 30.47
N CYS B 30 17.15 -8.68 29.31
CA CYS B 30 16.95 -7.20 29.25
C CYS B 30 17.83 -6.55 30.33
N ASP B 31 19.12 -6.95 30.37
CA ASP B 31 20.13 -6.43 31.32
C ASP B 31 19.59 -6.44 32.77
N GLY B 32 19.07 -7.58 33.25
CA GLY B 32 18.55 -7.77 34.63
C GLY B 32 17.08 -7.44 34.88
N ARG B 33 16.32 -6.87 33.91
CA ARG B 33 14.99 -6.24 34.16
C ARG B 33 13.81 -7.16 33.73
N LEU B 34 14.10 -8.33 33.15
CA LEU B 34 13.05 -9.31 32.72
C LEU B 34 13.29 -10.67 33.37
N LEU B 35 12.35 -11.14 34.22
CA LEU B 35 12.35 -12.52 34.73
C LEU B 35 12.05 -13.50 33.61
N CYS B 36 12.87 -14.55 33.50
CA CYS B 36 12.63 -15.70 32.57
C CYS B 36 12.57 -16.97 33.42
N LEU B 37 11.41 -17.60 33.55
CA LEU B 37 11.23 -18.89 34.27
C LEU B 37 11.34 -20.03 33.26
N HIS B 38 12.11 -21.08 33.55
CA HIS B 38 12.50 -22.10 32.53
C HIS B 38 11.77 -23.44 32.69
N ASP B 39 11.07 -23.70 33.78
CA ASP B 39 10.25 -24.93 33.88
C ASP B 39 8.78 -24.54 33.97
N PRO B 40 8.00 -24.69 32.87
CA PRO B 40 6.60 -24.20 32.86
C PRO B 40 5.68 -24.86 33.89
N SER B 41 6.00 -26.09 34.33
CA SER B 41 5.15 -26.87 35.26
C SER B 41 5.69 -26.83 36.71
N ASN B 42 6.67 -26.00 37.05
CA ASN B 42 7.14 -25.94 38.47
C ASN B 42 6.10 -25.20 39.33
N LYS B 43 5.56 -25.85 40.37
CA LYS B 43 4.47 -25.28 41.22
C LYS B 43 4.97 -24.11 42.09
N ASN B 44 6.28 -23.86 42.16
CA ASN B 44 6.88 -22.72 42.91
C ASN B 44 7.13 -21.49 42.00
N ASN B 45 6.75 -21.53 40.71
CA ASN B 45 7.00 -20.39 39.79
C ASN B 45 6.45 -19.09 40.38
N TRP B 46 5.29 -19.12 41.06
CA TRP B 46 4.64 -17.92 41.59
C TRP B 46 5.58 -17.11 42.54
N LYS B 47 6.56 -17.76 43.19
CA LYS B 47 7.32 -17.08 44.28
C LYS B 47 8.11 -15.87 43.77
N ILE B 48 8.88 -16.01 42.70
CA ILE B 48 9.69 -14.88 42.13
C ILE B 48 8.84 -14.01 41.17
N PHE B 49 7.87 -14.65 40.51
CA PHE B 49 6.89 -13.95 39.63
C PHE B 49 6.19 -12.81 40.37
N ARG B 50 5.76 -13.05 41.64
CA ARG B 50 4.86 -12.10 42.38
C ARG B 50 5.43 -10.67 42.39
N GLU B 51 6.69 -10.46 42.82
CA GLU B 51 7.21 -9.08 42.97
C GLU B 51 7.41 -8.42 41.60
N CYS B 52 7.84 -9.16 40.58
CA CYS B 52 8.00 -8.59 39.21
C CYS B 52 6.61 -8.09 38.72
N TRP B 53 5.61 -8.91 38.94
CA TRP B 53 4.21 -8.58 38.51
C TRP B 53 3.65 -7.43 39.33
N LYS B 54 3.93 -7.37 40.64
CA LYS B 54 3.46 -6.21 41.48
C LYS B 54 4.08 -4.90 40.98
N GLN B 55 5.33 -4.91 40.51
CA GLN B 55 6.10 -3.74 40.01
C GLN B 55 5.69 -3.41 38.56
N GLY B 56 4.73 -4.14 37.98
CA GLY B 56 4.17 -3.84 36.64
C GLY B 56 5.07 -4.28 35.48
N GLN B 57 5.92 -5.26 35.71
CA GLN B 57 6.85 -5.78 34.67
C GLN B 57 6.19 -6.94 33.92
N PRO B 58 6.45 -7.07 32.60
CA PRO B 58 6.20 -8.33 31.95
C PRO B 58 7.14 -9.44 32.47
N VAL B 59 6.78 -10.69 32.26
CA VAL B 59 7.52 -11.91 32.62
C VAL B 59 7.51 -12.86 31.44
N LEU B 60 8.56 -13.68 31.27
CA LEU B 60 8.61 -14.73 30.22
C LEU B 60 8.75 -16.10 30.85
N VAL B 61 8.01 -17.09 30.34
CA VAL B 61 8.11 -18.50 30.76
C VAL B 61 8.44 -19.29 29.50
N SER B 62 9.58 -19.98 29.48
CA SER B 62 10.00 -20.78 28.30
C SER B 62 9.55 -22.25 28.42
N GLY B 63 9.62 -22.99 27.31
CA GLY B 63 9.44 -24.45 27.28
C GLY B 63 8.00 -24.95 27.14
N VAL B 64 6.99 -24.09 26.90
CA VAL B 64 5.56 -24.55 26.81
C VAL B 64 5.37 -25.54 25.63
N HIS B 65 6.13 -25.36 24.54
CA HIS B 65 6.02 -26.19 23.29
C HIS B 65 6.29 -27.65 23.61
N LYS B 66 7.15 -27.90 24.58
CA LYS B 66 7.51 -29.27 25.03
C LYS B 66 6.35 -29.94 25.74
N LYS B 67 5.36 -29.18 26.23
CA LYS B 67 4.17 -29.69 26.94
C LYS B 67 2.99 -29.94 25.98
N LEU B 68 3.03 -29.43 24.76
CA LEU B 68 1.90 -29.48 23.79
C LEU B 68 2.07 -30.71 22.87
N LYS B 69 0.99 -31.09 22.18
CA LYS B 69 1.02 -32.06 21.04
C LYS B 69 1.40 -31.33 19.74
N SER B 70 2.66 -31.40 19.33
CA SER B 70 3.21 -30.58 18.22
C SER B 70 2.42 -30.75 16.90
N GLU B 71 1.85 -31.92 16.64
CA GLU B 71 1.11 -32.21 15.38
C GLU B 71 -0.19 -31.39 15.30
N LEU B 72 -0.74 -30.91 16.43
CA LEU B 72 -1.99 -30.08 16.44
C LEU B 72 -1.69 -28.63 16.01
N TRP B 73 -0.44 -28.17 16.01
CA TRP B 73 -0.12 -26.73 15.87
C TRP B 73 0.65 -26.46 14.57
N LYS B 74 0.45 -27.27 13.53
CA LYS B 74 1.21 -27.16 12.25
C LYS B 74 0.38 -26.46 11.17
N PRO B 75 0.96 -25.55 10.39
CA PRO B 75 0.20 -24.85 9.32
C PRO B 75 -0.52 -25.82 8.36
N GLU B 76 0.11 -26.96 8.02
CA GLU B 76 -0.47 -27.96 7.08
C GLU B 76 -1.75 -28.57 7.68
N ALA B 77 -1.80 -28.80 8.99
CA ALA B 77 -3.00 -29.35 9.65
C ALA B 77 -4.15 -28.34 9.62
N PHE B 78 -3.91 -27.06 9.88
CA PHE B 78 -4.99 -26.04 9.88
C PHE B 78 -5.55 -25.96 8.44
N SER B 79 -4.68 -26.03 7.46
CA SER B 79 -5.09 -25.95 6.01
C SER B 79 -5.95 -27.17 5.65
N GLN B 80 -5.53 -28.38 5.99
CA GLN B 80 -6.27 -29.63 5.64
C GLN B 80 -7.62 -29.66 6.37
N GLU B 81 -7.69 -29.23 7.63
CA GLU B 81 -8.90 -29.34 8.46
C GLU B 81 -9.89 -28.21 8.15
N PHE B 82 -9.44 -26.99 7.83
CA PHE B 82 -10.33 -25.79 7.90
C PHE B 82 -10.21 -24.94 6.62
N GLY B 83 -9.54 -25.46 5.60
CA GLY B 83 -9.02 -24.69 4.44
C GLY B 83 -10.10 -24.16 3.51
N ASP B 84 -11.33 -24.71 3.52
CA ASP B 84 -12.38 -24.22 2.57
C ASP B 84 -13.28 -23.18 3.24
N GLN B 85 -12.94 -22.72 4.46
CA GLN B 85 -13.62 -21.58 5.12
C GLN B 85 -13.28 -20.26 4.42
N ASP B 86 -14.23 -19.34 4.39
CA ASP B 86 -14.00 -17.99 3.84
C ASP B 86 -13.54 -17.08 4.97
N VAL B 87 -12.63 -16.15 4.68
CA VAL B 87 -12.00 -15.29 5.71
C VAL B 87 -11.48 -13.98 5.08
N ASP B 88 -11.25 -12.97 5.92
CA ASP B 88 -10.55 -11.73 5.52
C ASP B 88 -9.09 -11.79 5.97
N LEU B 89 -8.19 -11.26 5.14
CA LEU B 89 -6.77 -11.05 5.49
C LEU B 89 -6.50 -9.55 5.56
N VAL B 90 -5.44 -9.16 6.28
CA VAL B 90 -4.92 -7.76 6.33
C VAL B 90 -3.50 -7.74 5.75
N ASN B 91 -3.27 -6.83 4.81
CA ASN B 91 -1.93 -6.50 4.26
C ASN B 91 -1.21 -5.63 5.33
N CYS B 92 -0.18 -6.20 5.98
CA CYS B 92 0.54 -5.53 7.10
C CYS B 92 1.24 -4.25 6.63
N ARG B 93 1.63 -4.14 5.36
CA ARG B 93 2.40 -2.97 4.83
C ARG B 93 1.47 -1.75 4.68
N ASN B 94 0.19 -1.92 4.35
CA ASN B 94 -0.68 -0.76 4.06
C ASN B 94 -2.01 -0.82 4.82
N CYS B 95 -2.23 -1.82 5.69
CA CYS B 95 -3.47 -2.06 6.48
C CYS B 95 -4.68 -2.33 5.59
N ALA B 96 -4.52 -2.63 4.29
CA ALA B 96 -5.65 -2.95 3.39
C ALA B 96 -6.28 -4.30 3.77
N ILE B 97 -7.61 -4.40 3.69
CA ILE B 97 -8.35 -5.67 3.91
C ILE B 97 -8.53 -6.39 2.56
N ILE B 98 -8.09 -7.64 2.49
CA ILE B 98 -8.33 -8.57 1.35
C ILE B 98 -9.52 -9.45 1.74
N SER B 99 -10.73 -9.12 1.29
CA SER B 99 -12.00 -9.67 1.81
C SER B 99 -12.39 -10.98 1.10
N ASP B 100 -12.88 -11.95 1.87
CA ASP B 100 -13.58 -13.14 1.35
C ASP B 100 -12.69 -14.00 0.45
N VAL B 101 -11.53 -14.43 0.94
CA VAL B 101 -10.68 -15.46 0.30
C VAL B 101 -10.71 -16.75 1.15
N LYS B 102 -10.08 -17.81 0.68
CA LYS B 102 -10.07 -19.13 1.37
C LYS B 102 -8.95 -19.16 2.41
N VAL B 103 -9.23 -19.70 3.60
CA VAL B 103 -8.26 -19.93 4.71
C VAL B 103 -7.06 -20.68 4.10
N ARG B 104 -7.23 -21.65 3.18
CA ARG B 104 -6.06 -22.38 2.58
C ARG B 104 -5.13 -21.42 1.80
N ASP B 105 -5.65 -20.32 1.25
CA ASP B 105 -4.74 -19.41 0.50
C ASP B 105 -3.84 -18.64 1.49
N PHE B 106 -4.23 -18.46 2.75
CA PHE B 106 -3.30 -17.93 3.79
C PHE B 106 -2.26 -19.01 4.16
N TRP B 107 -2.73 -20.19 4.57
CA TRP B 107 -1.84 -21.24 5.14
C TRP B 107 -0.87 -21.78 4.07
N ASP B 108 -1.28 -21.86 2.80
CA ASP B 108 -0.40 -22.52 1.80
C ASP B 108 0.78 -21.61 1.44
N GLY B 109 0.73 -20.31 1.75
CA GLY B 109 1.86 -19.39 1.60
C GLY B 109 2.62 -19.10 2.93
N PHE B 110 2.27 -19.80 4.00
CA PHE B 110 2.89 -19.50 5.33
C PHE B 110 4.42 -19.56 5.28
N GLU B 111 4.96 -20.59 4.63
CA GLU B 111 6.43 -20.79 4.55
C GLU B 111 6.95 -20.83 3.12
N ILE B 112 6.09 -20.88 2.11
CA ILE B 112 6.47 -20.85 0.65
C ILE B 112 6.09 -19.49 0.05
N ILE B 113 7.04 -18.60 -0.14
CA ILE B 113 6.84 -17.16 -0.49
C ILE B 113 6.22 -17.06 -1.92
N CYS B 114 6.61 -17.94 -2.84
CA CYS B 114 6.14 -17.90 -4.26
C CYS B 114 4.61 -18.21 -4.32
N LYS B 115 4.03 -18.84 -3.29
CA LYS B 115 2.58 -19.21 -3.23
C LYS B 115 1.71 -18.09 -2.64
N ARG B 116 2.28 -17.01 -2.19
CA ARG B 116 1.50 -15.95 -1.50
C ARG B 116 0.72 -15.10 -2.49
N LEU B 117 -0.42 -14.57 -2.02
CA LEU B 117 -1.19 -13.51 -2.73
C LEU B 117 -0.26 -12.30 -2.90
N ARG B 118 -0.30 -11.65 -4.07
CA ARG B 118 0.54 -10.49 -4.44
C ARG B 118 -0.21 -9.18 -4.43
N SER B 119 0.53 -8.07 -4.23
CA SER B 119 0.00 -6.70 -4.27
C SER B 119 0.11 -6.19 -5.75
N GLU B 120 -0.38 -5.00 -5.97
CA GLU B 120 -0.44 -4.30 -7.30
C GLU B 120 1.00 -4.26 -7.91
N ASP B 121 2.06 -4.21 -7.09
CA ASP B 121 3.48 -4.13 -7.57
C ASP B 121 4.03 -5.50 -7.96
N GLY B 122 3.23 -6.59 -7.94
CA GLY B 122 3.70 -7.96 -8.21
C GLY B 122 4.52 -8.60 -7.09
N GLN B 123 4.64 -7.94 -5.92
CA GLN B 123 5.40 -8.47 -4.76
C GLN B 123 4.49 -9.38 -3.92
N PRO B 124 5.04 -10.47 -3.36
CA PRO B 124 4.33 -11.26 -2.35
C PRO B 124 3.97 -10.39 -1.14
N MET B 125 2.73 -10.47 -0.67
CA MET B 125 2.27 -9.67 0.49
C MET B 125 2.71 -10.36 1.81
N VAL B 126 2.90 -9.50 2.80
CA VAL B 126 3.01 -9.93 4.23
C VAL B 126 1.60 -9.79 4.80
N LEU B 127 1.00 -10.94 5.12
CA LEU B 127 -0.44 -11.02 5.46
C LEU B 127 -0.66 -11.47 6.92
N LYS B 128 -1.73 -10.99 7.53
CA LYS B 128 -2.26 -11.58 8.80
C LYS B 128 -3.70 -12.03 8.62
N LEU B 129 -4.02 -13.15 9.21
CA LEU B 129 -5.37 -13.71 9.17
C LEU B 129 -6.19 -12.93 10.17
N LYS B 130 -7.29 -12.31 9.76
CA LYS B 130 -8.12 -11.49 10.65
C LYS B 130 -9.19 -12.35 11.34
N ASP B 131 -9.31 -12.20 12.67
CA ASP B 131 -10.48 -12.70 13.43
C ASP B 131 -10.75 -14.18 13.10
N TRP B 132 -9.76 -15.06 13.31
CA TRP B 132 -9.90 -16.51 13.00
C TRP B 132 -9.27 -17.35 14.10
N PRO B 133 -9.98 -18.37 14.65
CA PRO B 133 -11.42 -18.54 14.53
C PRO B 133 -12.17 -17.29 14.98
N PRO B 134 -13.33 -16.99 14.37
CA PRO B 134 -14.03 -15.73 14.60
C PRO B 134 -14.72 -15.69 15.97
N GLY B 135 -14.78 -14.47 16.52
CA GLY B 135 -15.46 -14.20 17.79
C GLY B 135 -14.92 -15.14 18.86
N GLU B 136 -15.79 -15.94 19.47
CA GLU B 136 -15.46 -16.89 20.57
C GLU B 136 -15.67 -18.32 20.06
N ASP B 137 -15.47 -18.58 18.77
CA ASP B 137 -15.70 -19.93 18.18
C ASP B 137 -14.52 -20.88 18.44
N PHE B 138 -13.41 -20.41 19.03
CA PHE B 138 -12.17 -21.21 19.19
C PHE B 138 -12.50 -22.54 19.85
N ARG B 139 -13.20 -22.53 20.99
CA ARG B 139 -13.56 -23.79 21.68
C ARG B 139 -14.41 -24.71 20.78
N ASP B 140 -15.45 -24.18 20.11
CA ASP B 140 -16.39 -25.00 19.31
C ASP B 140 -15.69 -25.49 18.06
N MET B 141 -14.84 -24.67 17.42
CA MET B 141 -14.26 -25.06 16.11
C MET B 141 -13.09 -26.01 16.33
N MET B 142 -12.32 -25.83 17.42
CA MET B 142 -11.04 -26.51 17.65
C MET B 142 -10.98 -27.07 19.07
N PRO B 143 -11.89 -28.00 19.46
CA PRO B 143 -11.93 -28.51 20.84
C PRO B 143 -10.67 -29.20 21.38
N THR B 144 -9.94 -29.93 20.53
CA THR B 144 -8.71 -30.67 20.93
C THR B 144 -7.55 -29.68 21.10
N ARG B 145 -7.48 -28.63 20.27
CA ARG B 145 -6.51 -27.52 20.45
C ARG B 145 -6.80 -26.73 21.73
N PHE B 146 -8.06 -26.41 22.02
CA PHE B 146 -8.47 -25.74 23.27
C PHE B 146 -7.97 -26.54 24.48
N GLU B 147 -8.22 -27.86 24.51
CA GLU B 147 -7.83 -28.73 25.67
C GLU B 147 -6.30 -28.75 25.79
N ASP B 148 -5.58 -28.89 24.68
CA ASP B 148 -4.09 -28.97 24.67
C ASP B 148 -3.52 -27.68 25.24
N LEU B 149 -4.00 -26.51 24.79
CA LEU B 149 -3.45 -25.23 25.31
C LEU B 149 -3.85 -24.98 26.78
N MET B 150 -5.14 -25.09 27.15
CA MET B 150 -5.57 -24.74 28.54
C MET B 150 -4.91 -25.64 29.58
N GLU B 151 -4.76 -26.94 29.30
CA GLU B 151 -4.20 -27.88 30.28
C GLU B 151 -2.75 -27.49 30.55
N ASN B 152 -2.08 -26.76 29.62
CA ASN B 152 -0.61 -26.59 29.67
C ASN B 152 -0.18 -25.12 29.82
N LEU B 153 -1.11 -24.24 30.16
CA LEU B 153 -0.82 -22.79 30.38
C LEU B 153 0.05 -22.69 31.64
N PRO B 154 1.16 -21.93 31.61
CA PRO B 154 1.96 -21.70 32.80
C PRO B 154 1.21 -20.77 33.77
N LEU B 155 1.71 -20.76 35.01
CA LEU B 155 1.11 -20.02 36.15
C LEU B 155 -0.40 -20.26 36.20
N PRO B 156 -0.83 -21.54 36.24
CA PRO B 156 -2.23 -21.87 36.09
C PRO B 156 -3.16 -21.32 37.17
N GLU B 157 -2.68 -21.07 38.40
CA GLU B 157 -3.56 -20.45 39.42
C GLU B 157 -3.95 -19.05 38.98
N TYR B 158 -3.16 -18.40 38.09
CA TYR B 158 -3.43 -17.05 37.57
C TYR B 158 -4.19 -17.15 36.25
N THR B 159 -3.88 -18.13 35.38
CA THR B 159 -4.25 -18.08 33.94
C THR B 159 -5.48 -18.94 33.61
N LYS B 160 -5.75 -20.04 34.34
CA LYS B 160 -6.93 -20.91 34.06
C LYS B 160 -8.23 -20.30 34.63
N ARG B 161 -9.39 -20.57 34.00
N ARG B 161 -9.37 -20.61 34.01
CA ARG B 161 -10.70 -20.02 34.48
CA ARG B 161 -10.70 -20.05 34.43
C ARG B 161 -10.84 -20.28 35.99
C ARG B 161 -10.92 -20.29 35.94
N ASP B 162 -10.71 -21.55 36.40
CA ASP B 162 -10.93 -21.93 37.82
C ASP B 162 -9.66 -21.79 38.65
N GLY B 163 -8.64 -21.03 38.19
CA GLY B 163 -7.43 -20.72 38.98
C GLY B 163 -7.78 -20.06 40.31
N ARG B 164 -7.07 -20.40 41.37
CA ARG B 164 -7.27 -19.81 42.73
C ARG B 164 -7.21 -18.28 42.65
N LEU B 165 -6.31 -17.72 41.84
CA LEU B 165 -6.03 -16.26 41.86
C LEU B 165 -6.50 -15.62 40.55
N ASN B 166 -7.25 -16.30 39.70
CA ASN B 166 -7.89 -15.65 38.53
C ASN B 166 -9.27 -15.12 38.97
N LEU B 167 -9.50 -13.80 38.89
CA LEU B 167 -10.75 -13.17 39.39
C LEU B 167 -11.78 -13.00 38.26
N ALA B 168 -11.42 -13.30 37.00
CA ALA B 168 -12.27 -12.97 35.82
C ALA B 168 -13.67 -13.56 35.93
N SER B 169 -13.85 -14.81 36.35
CA SER B 169 -15.21 -15.41 36.39
C SER B 169 -16.06 -14.88 37.56
N ARG B 170 -15.47 -14.26 38.57
CA ARG B 170 -16.16 -13.79 39.81
C ARG B 170 -16.55 -12.32 39.77
N LEU B 171 -15.86 -11.49 38.99
CA LEU B 171 -16.06 -10.01 39.05
C LEU B 171 -17.15 -9.54 38.10
N PRO B 172 -17.85 -8.44 38.53
CA PRO B 172 -18.80 -7.79 37.63
C PRO B 172 -18.21 -7.16 36.36
N SER B 173 -19.09 -6.80 35.40
CA SER B 173 -18.70 -6.28 34.08
C SER B 173 -17.92 -4.97 34.14
N TYR B 174 -18.02 -4.18 35.22
CA TYR B 174 -17.24 -2.91 35.39
C TYR B 174 -15.74 -3.21 35.66
N PHE B 175 -15.36 -4.49 35.86
CA PHE B 175 -13.93 -4.92 35.95
C PHE B 175 -13.46 -5.67 34.69
N VAL B 176 -14.34 -6.42 34.03
CA VAL B 176 -13.88 -7.45 33.04
C VAL B 176 -15.05 -7.91 32.15
N ARG B 177 -14.77 -8.13 30.86
CA ARG B 177 -15.76 -8.72 29.91
C ARG B 177 -16.08 -10.14 30.38
N PRO B 178 -17.34 -10.60 30.28
CA PRO B 178 -17.69 -11.98 30.65
C PRO B 178 -17.15 -13.07 29.69
N ASP B 179 -16.99 -14.29 30.22
CA ASP B 179 -16.78 -15.54 29.44
C ASP B 179 -15.52 -15.40 28.57
N LEU B 180 -14.35 -15.15 29.19
CA LEU B 180 -13.09 -14.99 28.42
C LEU B 180 -12.75 -16.35 27.79
N GLY B 181 -12.22 -16.34 26.56
CA GLY B 181 -11.67 -17.54 25.89
C GLY B 181 -10.45 -17.18 25.03
N PRO B 182 -9.66 -18.17 24.61
CA PRO B 182 -8.42 -17.92 23.87
C PRO B 182 -8.66 -17.36 22.46
N LYS B 183 -7.65 -16.63 21.98
CA LYS B 183 -7.67 -16.01 20.63
C LYS B 183 -6.36 -16.39 19.92
N MET B 184 -6.43 -16.72 18.65
CA MET B 184 -5.28 -17.18 17.82
C MET B 184 -4.81 -16.01 16.99
N TYR B 185 -3.50 -15.78 16.89
CA TYR B 185 -2.87 -14.68 16.12
C TYR B 185 -1.91 -15.31 15.10
N ASN B 186 -2.23 -15.19 13.79
CA ASN B 186 -1.57 -15.93 12.71
C ASN B 186 -1.11 -14.90 11.67
N ALA B 187 0.19 -14.78 11.40
CA ALA B 187 0.67 -13.75 10.45
C ALA B 187 2.03 -14.17 9.89
N TYR B 188 2.31 -13.73 8.66
CA TYR B 188 3.62 -14.00 8.02
C TYR B 188 4.70 -13.15 8.69
N GLY B 189 5.98 -13.48 8.42
CA GLY B 189 7.11 -12.63 8.87
C GLY B 189 7.32 -11.39 8.03
N LEU B 190 7.74 -10.29 8.60
CA LEU B 190 8.22 -9.08 7.87
C LEU B 190 9.62 -9.38 7.33
N ILE B 191 9.96 -8.81 6.15
CA ILE B 191 11.04 -9.35 5.27
C ILE B 191 12.07 -8.26 4.92
N THR B 192 11.62 -7.09 4.45
CA THR B 192 12.52 -6.08 3.81
C THR B 192 13.08 -5.07 4.81
N ALA B 193 14.06 -4.25 4.38
CA ALA B 193 14.58 -3.13 5.18
C ALA B 193 13.46 -2.13 5.47
N GLU B 194 12.58 -1.83 4.50
CA GLU B 194 11.44 -0.91 4.71
C GLU B 194 10.47 -1.55 5.75
N ASP B 195 10.39 -2.88 5.78
CA ASP B 195 9.48 -3.62 6.71
C ASP B 195 9.94 -3.43 8.16
N ARG B 196 11.20 -3.07 8.41
CA ARG B 196 11.72 -2.88 9.80
C ARG B 196 10.85 -1.88 10.57
N ARG B 197 10.24 -0.89 9.91
CA ARG B 197 9.44 0.18 10.53
C ARG B 197 7.93 -0.16 10.61
N VAL B 198 7.55 -1.39 10.24
CA VAL B 198 6.12 -1.84 10.20
C VAL B 198 5.88 -2.75 11.42
N GLY B 199 4.68 -2.69 11.98
CA GLY B 199 4.24 -3.68 13.01
C GLY B 199 3.41 -4.81 12.41
N THR B 200 3.50 -6.02 12.94
CA THR B 200 2.47 -7.06 12.78
C THR B 200 1.21 -6.57 13.55
N THR B 201 1.40 -6.19 14.82
CA THR B 201 0.36 -5.60 15.68
C THR B 201 0.83 -4.23 16.16
N ASN B 202 0.14 -3.15 15.82
CA ASN B 202 0.57 -1.79 16.18
C ASN B 202 0.47 -1.58 17.69
N LEU B 203 1.17 -0.55 18.19
CA LEU B 203 1.19 -0.12 19.61
C LEU B 203 -0.25 0.05 20.10
N HIS B 204 -0.62 -0.64 21.19
CA HIS B 204 -1.99 -0.58 21.76
C HIS B 204 -1.89 -1.00 23.24
N LEU B 205 -3.00 -0.89 23.97
CA LEU B 205 -3.08 -1.53 25.31
C LEU B 205 -4.33 -2.38 25.39
N ASP B 206 -4.34 -3.31 26.36
CA ASP B 206 -5.52 -4.20 26.64
C ASP B 206 -6.00 -3.94 28.08
N VAL B 207 -7.31 -4.10 28.31
CA VAL B 207 -7.96 -3.67 29.58
C VAL B 207 -7.87 -4.77 30.62
N SER B 208 -7.37 -5.95 30.25
CA SER B 208 -7.15 -7.05 31.22
C SER B 208 -5.69 -7.48 31.19
N ASP B 209 -5.30 -8.33 32.14
CA ASP B 209 -4.00 -9.04 32.04
C ASP B 209 -4.06 -10.10 30.93
N ALA B 210 -2.94 -10.53 30.33
CA ALA B 210 -2.94 -11.60 29.31
C ALA B 210 -1.65 -12.39 29.31
N VAL B 211 -1.71 -13.63 28.80
CA VAL B 211 -0.53 -14.45 28.46
C VAL B 211 -0.59 -14.80 26.97
N ASN B 212 0.52 -14.66 26.26
CA ASN B 212 0.61 -14.93 24.80
C ASN B 212 1.65 -16.04 24.61
N VAL B 213 1.26 -17.20 24.09
CA VAL B 213 2.15 -18.37 23.86
C VAL B 213 2.49 -18.54 22.36
N MET B 214 3.76 -18.61 22.04
CA MET B 214 4.25 -18.93 20.65
C MET B 214 4.17 -20.44 20.46
N VAL B 215 3.23 -20.94 19.63
CA VAL B 215 3.07 -22.41 19.45
C VAL B 215 3.71 -22.92 18.16
N TYR B 216 4.04 -22.06 17.21
CA TYR B 216 4.72 -22.51 15.94
C TYR B 216 5.50 -21.36 15.32
N VAL B 217 6.71 -21.64 14.81
CA VAL B 217 7.50 -20.64 14.05
C VAL B 217 7.93 -21.30 12.73
N GLY B 218 7.55 -20.66 11.61
CA GLY B 218 7.80 -21.17 10.25
C GLY B 218 8.84 -20.30 9.57
N ILE B 219 9.99 -20.91 9.28
CA ILE B 219 11.15 -20.25 8.63
C ILE B 219 11.17 -20.68 7.16
N PRO B 220 10.89 -19.79 6.18
CA PRO B 220 11.02 -20.15 4.76
C PRO B 220 12.49 -20.40 4.35
N ILE B 221 12.75 -21.17 3.27
CA ILE B 221 14.10 -21.26 2.61
C ILE B 221 14.07 -20.50 1.27
N ALA B 225 18.14 -18.98 3.51
CA ALA B 225 18.45 -18.33 4.80
C ALA B 225 18.66 -16.82 4.58
N HIS B 226 17.58 -16.04 4.66
CA HIS B 226 17.60 -14.54 4.65
C HIS B 226 17.59 -14.07 6.12
N ASP B 227 18.52 -14.61 6.92
CA ASP B 227 18.74 -14.28 8.36
C ASP B 227 19.41 -12.90 8.47
N GLU B 228 19.74 -12.25 7.35
CA GLU B 228 20.59 -11.04 7.29
C GLU B 228 19.79 -9.87 7.88
N GLU B 229 18.64 -9.57 7.28
CA GLU B 229 17.73 -8.49 7.70
C GLU B 229 17.17 -8.80 9.10
N VAL B 230 16.98 -10.08 9.43
CA VAL B 230 16.47 -10.50 10.78
C VAL B 230 17.53 -10.17 11.84
N LEU B 231 18.82 -10.47 11.65
CA LEU B 231 19.88 -10.14 12.67
C LEU B 231 19.98 -8.63 12.85
N LYS B 232 19.83 -7.83 11.79
CA LYS B 232 19.89 -6.36 11.91
C LYS B 232 18.63 -5.86 12.64
N THR B 233 17.47 -6.46 12.39
CA THR B 233 16.18 -6.00 13.01
C THR B 233 16.26 -6.24 14.53
N ILE B 234 16.89 -7.35 14.93
CA ILE B 234 17.10 -7.73 16.37
C ILE B 234 18.00 -6.66 17.02
N ASP B 235 19.09 -6.30 16.33
CA ASP B 235 20.11 -5.39 16.90
C ASP B 235 19.52 -3.97 17.08
N GLU B 236 19.01 -3.40 15.99
CA GLU B 236 18.35 -2.07 15.92
C GLU B 236 17.14 -2.04 16.88
N GLY B 237 16.49 -3.20 17.07
CA GLY B 237 15.38 -3.45 18.00
C GLY B 237 15.79 -3.27 19.45
N ASP B 238 17.09 -3.33 19.75
CA ASP B 238 17.68 -3.04 21.09
C ASP B 238 17.57 -4.28 21.98
N ALA B 239 17.52 -5.48 21.40
CA ALA B 239 17.66 -6.75 22.14
C ALA B 239 18.99 -6.76 22.91
N ASP B 240 19.04 -7.49 24.01
CA ASP B 240 20.26 -7.58 24.88
C ASP B 240 21.25 -8.59 24.28
N GLU B 241 22.51 -8.63 24.78
CA GLU B 241 23.62 -9.37 24.11
C GLU B 241 23.44 -10.88 24.24
N VAL B 242 22.91 -11.37 25.35
CA VAL B 242 22.65 -12.82 25.56
C VAL B 242 21.70 -13.32 24.46
N THR B 243 20.69 -12.51 24.13
CA THR B 243 19.62 -12.81 23.13
C THR B 243 20.27 -12.84 21.72
N LYS B 244 21.01 -11.80 21.37
CA LYS B 244 21.74 -11.69 20.07
C LYS B 244 22.68 -12.89 19.88
N GLU B 245 23.52 -13.17 20.88
CA GLU B 245 24.55 -14.23 20.75
C GLU B 245 23.80 -15.57 20.74
N ARG B 246 22.67 -15.61 21.43
CA ARG B 246 21.86 -16.84 21.59
C ARG B 246 21.27 -17.31 20.26
N ILE B 247 21.14 -16.45 19.24
CA ILE B 247 20.56 -16.89 17.93
C ILE B 247 21.62 -17.55 17.00
N HIS B 248 22.76 -17.97 17.58
CA HIS B 248 23.79 -18.82 16.93
C HIS B 248 24.72 -19.44 17.98
N ASP B 249 24.39 -19.30 19.27
CA ASP B 249 25.05 -19.99 20.41
C ASP B 249 24.18 -21.22 20.76
N HIS B 250 23.18 -21.46 19.90
CA HIS B 250 22.23 -22.60 19.91
C HIS B 250 21.66 -22.69 18.49
N LYS B 251 20.43 -23.20 18.33
CA LYS B 251 19.68 -23.09 17.06
C LYS B 251 18.17 -23.12 17.35
N GLU B 252 17.70 -22.17 18.16
CA GLU B 252 16.25 -22.02 18.48
C GLU B 252 15.64 -21.22 17.32
N LYS B 253 14.33 -21.12 17.35
CA LYS B 253 13.50 -20.43 16.34
C LYS B 253 12.97 -19.15 16.95
N PRO B 254 13.60 -17.99 16.65
CA PRO B 254 13.06 -16.68 17.04
C PRO B 254 11.82 -16.32 16.22
N GLY B 255 10.70 -16.02 16.88
CA GLY B 255 9.40 -15.82 16.22
C GLY B 255 9.10 -14.33 16.05
N ALA B 256 9.11 -13.56 17.14
CA ALA B 256 8.66 -12.15 17.10
C ALA B 256 9.44 -11.26 18.07
N LEU B 257 9.58 -10.02 17.67
CA LEU B 257 10.19 -8.94 18.46
C LEU B 257 9.07 -8.07 19.04
N TRP B 258 8.99 -8.01 20.37
CA TRP B 258 8.03 -7.19 21.12
C TRP B 258 8.73 -5.94 21.68
N HIS B 259 8.03 -4.82 21.80
CA HIS B 259 8.36 -3.73 22.74
C HIS B 259 7.16 -3.54 23.67
N ILE B 260 7.40 -3.65 24.99
CA ILE B 260 6.40 -3.49 26.05
C ILE B 260 6.81 -2.31 26.95
N TYR B 261 5.86 -1.47 27.34
CA TYR B 261 6.05 -0.29 28.22
C TYR B 261 5.22 -0.47 29.50
N ALA B 262 5.70 0.11 30.60
CA ALA B 262 4.93 0.08 31.85
C ALA B 262 3.57 0.82 31.71
N ALA B 263 2.52 0.32 32.36
CA ALA B 263 1.20 0.97 32.41
C ALA B 263 1.33 2.44 32.85
N LYS B 264 2.22 2.73 33.81
CA LYS B 264 2.40 4.12 34.33
C LYS B 264 3.01 5.07 33.29
N ASP B 265 3.59 4.57 32.19
CA ASP B 265 4.25 5.42 31.14
C ASP B 265 3.32 5.69 29.96
N ALA B 266 2.06 5.23 29.98
CA ALA B 266 1.15 5.34 28.82
C ALA B 266 0.95 6.83 28.46
N GLU B 267 0.74 7.71 29.44
CA GLU B 267 0.35 9.12 29.14
C GLU B 267 1.55 9.86 28.55
N LYS B 268 2.78 9.53 28.97
CA LYS B 268 4.01 10.12 28.36
C LYS B 268 4.10 9.68 26.89
N ILE B 269 3.69 8.43 26.57
CA ILE B 269 3.74 7.93 25.17
C ILE B 269 2.68 8.68 24.37
N ARG B 270 1.49 8.95 24.94
CA ARG B 270 0.44 9.71 24.23
C ARG B 270 0.94 11.14 23.92
N GLU B 271 1.56 11.79 24.89
CA GLU B 271 2.14 13.15 24.72
C GLU B 271 3.07 13.14 23.51
N LEU B 272 4.03 12.18 23.45
CA LEU B 272 5.01 12.11 22.33
C LEU B 272 4.26 11.98 21.00
N LEU B 273 3.32 11.04 20.88
CA LEU B 273 2.64 10.75 19.59
C LEU B 273 1.66 11.86 19.20
N ARG B 274 1.09 12.61 20.15
CA ARG B 274 0.28 13.83 19.83
C ARG B 274 1.22 14.82 19.12
N LYS B 275 2.41 15.08 19.68
CA LYS B 275 3.43 15.99 19.11
C LYS B 275 3.77 15.53 17.69
N VAL B 276 4.31 14.32 17.53
CA VAL B 276 4.77 13.76 16.23
C VAL B 276 3.64 13.80 15.20
N GLY B 277 2.40 13.51 15.60
CA GLY B 277 1.23 13.55 14.70
C GLY B 277 0.99 14.95 14.17
N GLU B 278 1.16 15.96 15.03
CA GLU B 278 1.03 17.41 14.69
C GLU B 278 2.12 17.77 13.69
N GLU B 279 3.36 17.31 13.95
CA GLU B 279 4.56 17.53 13.06
C GLU B 279 4.31 16.93 11.67
N GLN B 280 3.57 15.83 11.57
CA GLN B 280 3.39 15.07 10.31
C GLN B 280 2.11 15.51 9.57
N GLY B 281 1.42 16.56 10.02
CA GLY B 281 0.24 17.10 9.32
C GLY B 281 -1.06 16.92 10.09
N GLN B 282 -1.28 15.73 10.67
CA GLN B 282 -2.55 15.33 11.36
C GLN B 282 -3.17 16.53 12.11
N GLU B 283 -4.49 16.71 11.98
CA GLU B 283 -5.26 17.70 12.78
C GLU B 283 -6.12 16.91 13.79
N ASN B 284 -5.64 16.80 15.03
CA ASN B 284 -6.24 15.99 16.12
C ASN B 284 -6.59 16.94 17.27
N PRO B 285 -7.71 16.74 18.00
CA PRO B 285 -7.95 17.48 19.25
C PRO B 285 -6.87 17.19 20.30
N PRO B 286 -6.71 18.06 21.33
CA PRO B 286 -5.67 17.87 22.35
C PRO B 286 -5.93 16.65 23.26
N ASP B 287 -7.18 16.16 23.23
CA ASP B 287 -7.71 14.99 23.99
C ASP B 287 -7.38 13.67 23.29
N HIS B 288 -7.08 13.74 22.00
CA HIS B 288 -6.85 12.57 21.11
C HIS B 288 -5.94 11.52 21.78
N ASP B 289 -6.32 10.24 21.62
CA ASP B 289 -5.59 9.08 22.23
C ASP B 289 -4.96 8.25 21.13
N PRO B 290 -3.66 8.48 20.82
CA PRO B 290 -2.97 7.73 19.79
C PRO B 290 -2.72 6.25 20.13
N ILE B 291 -2.84 5.87 21.41
CA ILE B 291 -2.71 4.43 21.83
C ILE B 291 -4.03 3.74 21.48
N HIS B 292 -5.18 4.37 21.78
CA HIS B 292 -6.53 3.87 21.43
C HIS B 292 -6.65 3.71 19.90
N ASP B 293 -6.06 4.63 19.13
CA ASP B 293 -6.14 4.62 17.65
C ASP B 293 -5.46 3.40 17.04
N GLN B 294 -4.48 2.76 17.72
CA GLN B 294 -3.80 1.54 17.23
C GLN B 294 -3.18 1.81 15.84
N SER B 295 -2.74 3.05 15.57
CA SER B 295 -2.26 3.50 14.23
C SER B 295 -0.72 3.64 14.17
N TRP B 296 0.01 3.44 15.27
CA TRP B 296 1.47 3.74 15.39
C TRP B 296 2.31 2.48 15.60
N TYR B 297 3.48 2.42 14.97
CA TYR B 297 4.55 1.46 15.35
C TYR B 297 5.78 2.28 15.72
N LEU B 298 6.31 2.11 16.93
CA LEU B 298 7.51 2.86 17.37
C LEU B 298 8.76 2.21 16.74
N ASP B 299 9.32 2.91 15.71
CA ASP B 299 10.55 2.50 15.01
C ASP B 299 11.74 2.96 15.84
N GLN B 300 12.97 2.73 15.38
CA GLN B 300 14.18 3.08 16.18
C GLN B 300 14.16 4.58 16.51
N THR B 301 13.86 5.43 15.54
CA THR B 301 13.83 6.92 15.72
C THR B 301 12.86 7.28 16.85
N LEU B 302 11.65 6.73 16.82
CA LEU B 302 10.61 7.12 17.81
C LEU B 302 10.99 6.57 19.20
N ARG B 303 11.54 5.35 19.28
CA ARG B 303 11.93 4.76 20.60
C ARG B 303 13.03 5.61 21.25
N LYS B 304 14.01 6.04 20.45
CA LYS B 304 15.14 6.84 20.98
C LYS B 304 14.60 8.17 21.50
N ARG B 305 13.74 8.84 20.72
CA ARG B 305 13.08 10.12 21.08
C ARG B 305 12.21 9.97 22.33
N LEU B 306 11.48 8.84 22.51
CA LEU B 306 10.71 8.56 23.75
C LEU B 306 11.68 8.53 24.94
N TYR B 307 12.81 7.88 24.81
CA TYR B 307 13.80 7.78 25.93
C TYR B 307 14.36 9.18 26.26
N GLU B 308 14.92 9.84 25.23
N GLU B 308 14.89 9.88 25.25
CA GLU B 308 15.60 11.16 25.29
CA GLU B 308 15.64 11.15 25.43
C GLU B 308 14.66 12.19 25.90
C GLU B 308 14.68 12.26 25.90
N GLU B 309 13.50 12.40 25.28
CA GLU B 309 12.55 13.49 25.65
C GLU B 309 11.74 13.16 26.92
N TYR B 310 11.37 11.90 27.21
CA TYR B 310 10.40 11.61 28.29
C TYR B 310 10.97 10.69 29.38
N GLY B 311 12.15 10.13 29.20
CA GLY B 311 12.77 9.23 30.20
C GLY B 311 12.14 7.83 30.20
N VAL B 312 11.46 7.43 29.13
CA VAL B 312 10.73 6.13 29.08
C VAL B 312 11.55 5.10 28.29
N GLN B 313 11.86 3.96 28.90
CA GLN B 313 12.74 2.89 28.36
C GLN B 313 11.92 1.74 27.71
N GLY B 314 11.12 1.00 28.45
CA GLY B 314 10.45 -0.20 27.87
C GLY B 314 11.37 -1.40 27.67
N TRP B 315 10.77 -2.57 27.43
CA TRP B 315 11.42 -3.90 27.37
C TRP B 315 11.38 -4.38 25.92
N ALA B 316 12.52 -4.65 25.29
CA ALA B 316 12.65 -5.25 23.95
C ALA B 316 12.81 -6.76 24.15
N ILE B 317 11.79 -7.55 23.77
CA ILE B 317 11.74 -9.02 24.02
C ILE B 317 11.69 -9.79 22.70
N VAL B 318 12.55 -10.79 22.55
CA VAL B 318 12.43 -11.78 21.47
C VAL B 318 11.71 -13.01 21.99
N GLN B 319 10.51 -13.28 21.42
CA GLN B 319 9.69 -14.47 21.76
C GLN B 319 10.08 -15.61 20.82
N PHE B 320 10.69 -16.66 21.35
CA PHE B 320 11.06 -17.89 20.63
C PHE B 320 9.91 -18.89 20.69
N LEU B 321 9.99 -19.98 19.92
CA LEU B 321 9.04 -21.11 19.98
C LEU B 321 8.92 -21.58 21.44
N GLY B 322 7.69 -21.62 21.96
CA GLY B 322 7.37 -22.12 23.31
C GLY B 322 7.42 -21.04 24.38
N ASP B 323 7.80 -19.81 24.06
CA ASP B 323 7.88 -18.68 25.03
C ASP B 323 6.44 -18.14 25.27
N ALA B 324 6.06 -18.05 26.54
CA ALA B 324 4.84 -17.37 27.02
C ALA B 324 5.23 -16.00 27.56
N VAL B 325 4.67 -14.92 27.00
CA VAL B 325 4.89 -13.53 27.43
C VAL B 325 3.67 -13.08 28.23
N PHE B 326 3.90 -12.70 29.50
CA PHE B 326 2.84 -12.18 30.40
C PHE B 326 2.83 -10.67 30.30
N ILE B 327 1.68 -10.10 29.95
CA ILE B 327 1.46 -8.65 29.63
C ILE B 327 0.53 -8.03 30.68
N PRO B 328 1.00 -7.09 31.54
CA PRO B 328 0.15 -6.42 32.53
C PRO B 328 -0.97 -5.62 31.86
N ALA B 329 -2.18 -5.67 32.45
CA ALA B 329 -3.30 -4.77 32.06
C ALA B 329 -2.75 -3.32 31.93
N GLY B 330 -3.02 -2.68 30.79
CA GLY B 330 -2.72 -1.26 30.58
C GLY B 330 -1.29 -1.04 30.10
N ALA B 331 -0.45 -2.06 29.99
CA ALA B 331 0.96 -1.90 29.50
C ALA B 331 0.88 -1.72 27.98
N PRO B 332 1.21 -0.56 27.40
CA PRO B 332 1.23 -0.45 25.94
C PRO B 332 2.29 -1.38 25.31
N HIS B 333 1.95 -2.00 24.17
CA HIS B 333 2.84 -2.96 23.50
C HIS B 333 2.58 -3.06 22.00
N GLN B 334 3.64 -3.45 21.28
CA GLN B 334 3.65 -3.64 19.80
C GLN B 334 4.37 -4.95 19.51
N VAL B 335 4.05 -5.59 18.38
CA VAL B 335 4.65 -6.87 17.96
C VAL B 335 5.12 -6.77 16.51
N HIS B 336 6.31 -7.32 16.20
CA HIS B 336 6.90 -7.32 14.83
C HIS B 336 7.36 -8.76 14.53
N ASN B 337 6.65 -9.53 13.70
CA ASN B 337 7.05 -10.93 13.42
C ASN B 337 8.35 -10.95 12.58
N LEU B 338 9.34 -11.69 13.05
CA LEU B 338 10.61 -11.95 12.34
C LEU B 338 10.43 -13.07 11.31
N TYR B 339 9.66 -14.09 11.63
CA TYR B 339 9.31 -15.24 10.76
C TYR B 339 7.78 -15.43 10.86
N SER B 340 7.18 -16.30 10.05
CA SER B 340 5.75 -16.60 10.16
C SER B 340 5.50 -17.24 11.53
N CYS B 341 4.46 -16.78 12.24
CA CYS B 341 4.16 -17.19 13.63
C CYS B 341 2.71 -17.62 13.81
N ILE B 342 2.49 -18.67 14.61
CA ILE B 342 1.18 -18.98 15.24
C ILE B 342 1.30 -18.68 16.75
N LYS B 343 0.50 -17.74 17.25
CA LYS B 343 0.43 -17.43 18.70
C LYS B 343 -0.99 -17.71 19.22
N VAL B 344 -1.12 -18.06 20.51
CA VAL B 344 -2.46 -18.17 21.15
C VAL B 344 -2.39 -17.40 22.48
N ALA B 345 -3.37 -16.52 22.71
CA ALA B 345 -3.38 -15.62 23.90
C ALA B 345 -4.64 -15.84 24.74
N GLU B 346 -4.52 -15.78 26.08
CA GLU B 346 -5.68 -15.92 27.02
C GLU B 346 -5.67 -14.71 27.96
N ASP B 347 -6.79 -14.01 28.09
CA ASP B 347 -6.97 -12.90 29.05
C ASP B 347 -7.28 -13.50 30.45
N PHE B 348 -6.93 -12.77 31.50
CA PHE B 348 -7.23 -13.14 32.92
C PHE B 348 -7.21 -11.84 33.74
N VAL B 349 -7.62 -11.92 35.03
CA VAL B 349 -7.60 -10.76 35.96
C VAL B 349 -6.89 -11.16 37.24
N SER B 350 -5.65 -10.66 37.47
CA SER B 350 -4.93 -10.93 38.76
C SER B 350 -5.37 -9.94 39.84
N PRO B 351 -5.33 -10.35 41.11
CA PRO B 351 -5.60 -9.43 42.22
C PRO B 351 -4.69 -8.20 42.25
N GLU B 352 -3.45 -8.39 41.86
CA GLU B 352 -2.40 -7.34 41.84
C GLU B 352 -2.87 -6.17 40.96
N HIS B 353 -3.59 -6.46 39.87
CA HIS B 353 -3.92 -5.44 38.85
C HIS B 353 -5.44 -5.14 38.80
N VAL B 354 -6.23 -5.53 39.79
CA VAL B 354 -7.70 -5.35 39.73
C VAL B 354 -8.09 -3.86 39.71
N LYS B 355 -7.38 -2.97 40.40
CA LYS B 355 -7.71 -1.51 40.36
C LYS B 355 -7.53 -0.98 38.93
N HIS B 356 -6.41 -1.31 38.32
CA HIS B 356 -6.09 -0.98 36.90
C HIS B 356 -7.21 -1.47 35.99
N CYS B 357 -7.64 -2.74 36.12
CA CYS B 357 -8.68 -3.31 35.27
C CYS B 357 -9.97 -2.47 35.36
N PHE B 358 -10.37 -2.03 36.56
CA PHE B 358 -11.56 -1.15 36.74
C PHE B 358 -11.37 0.16 35.97
N ARG B 359 -10.23 0.81 36.10
CA ARG B 359 -9.97 2.15 35.51
C ARG B 359 -9.91 2.02 34.00
N LEU B 360 -9.23 1.00 33.50
CA LEU B 360 -9.11 0.79 32.04
C LEU B 360 -10.45 0.47 31.40
N THR B 361 -11.32 -0.31 32.07
CA THR B 361 -12.67 -0.63 31.57
C THR B 361 -13.51 0.67 31.49
N GLN B 362 -13.41 1.49 32.52
CA GLN B 362 -14.10 2.81 32.56
C GLN B 362 -13.65 3.62 31.32
N GLU B 363 -12.34 3.72 31.10
CA GLU B 363 -11.79 4.59 30.03
C GLU B 363 -12.20 4.00 28.67
N PHE B 364 -12.28 2.66 28.53
CA PHE B 364 -12.65 2.03 27.24
C PHE B 364 -14.07 2.46 26.91
N ARG B 365 -14.98 2.34 27.87
CA ARG B 365 -16.40 2.75 27.73
C ARG B 365 -16.46 4.23 27.33
N HIS B 366 -15.67 5.10 27.94
CA HIS B 366 -15.67 6.56 27.60
C HIS B 366 -15.17 6.80 26.16
N LEU B 367 -14.09 6.14 25.77
CA LEU B 367 -13.50 6.28 24.40
C LEU B 367 -14.46 5.68 23.38
N SER B 368 -15.35 4.78 23.79
CA SER B 368 -16.31 4.08 22.89
C SER B 368 -17.30 5.08 22.28
N ASN B 369 -17.86 5.98 23.11
CA ASN B 369 -18.90 6.97 22.70
C ASN B 369 -18.37 8.39 22.95
C10 S4Y C . 0.02 24.46 -33.51
C15 S4Y C . -0.86 22.83 -35.15
C03 S4Y C . -4.21 27.46 -32.87
C05 S4Y C . -3.89 26.35 -33.94
C06 S4Y C . -4.71 25.25 -33.91
C07 S4Y C . -3.81 24.03 -33.89
C08 S4Y C . -2.45 24.67 -34.37
C09 S4Y C . -1.05 23.96 -34.31
C11 S4Y C . 1.24 23.82 -33.53
C12 S4Y C . 1.42 22.66 -34.39
C14 S4Y C . 0.39 22.19 -35.18
N01 S4Y C . -6.63 27.21 -33.12
N02 S4Y C . -5.54 27.82 -32.52
O04 S4Y C . -3.29 28.03 -32.34
O16 S4Y C . -2.41 25.75 -33.64
CL13 S4Y C . 3.01 21.84 -34.46
CL CL D . -18.73 -1.26 -27.11
CL CL E . -19.82 19.98 -12.36
CL CL F . 5.19 10.97 -12.96
CL CL G . -1.95 -8.94 -22.65
MN MN H . -1.19 5.65 -16.40
CL CL I . -9.40 -29.35 17.23
MN MN J . -2.31 -6.92 22.99
#